data_3DBG
#
_entry.id   3DBG
#
_cell.length_a   103.596
_cell.length_b   103.596
_cell.length_c   140.861
_cell.angle_alpha   90
_cell.angle_beta   90
_cell.angle_gamma   120
#
_symmetry.space_group_name_H-M   'P 63'
#
loop_
_entity.id
_entity.type
_entity.pdbx_description
1 polymer 'Putative cytochrome P450'
2 non-polymer 'PROTOPORPHYRIN IX CONTAINING FE'
3 water water
#
_entity_poly.entity_id   1
_entity_poly.type   'polypeptide(L)'
_entity_poly.pdbx_seq_one_letter_code
;MTVESVNPETRAPAAPGAPELREPPVAGGGVPLLGHGWRLARDPLAFMSQLRDHGDVVRIKLGPKTVYAVTNPELTGALA
LNPDYHIAGPLWESLEGLLGKEGVATANGPLHRRQRRTIQPAFRLDAIPAYGPIMEEEAHALTERWQPGKTVDATSESFR
VAVRVAARCLLRGQYMDERAERLCVALATVFRGMYRRMVVPLGPLYRLPLPANRRFNDALADLHLLVDEIIAERRASGQK
PDDLLTALLEAKDDNGDPIGEQEIHDQVVAILTPGSETIASTIMWLLQALADHPEHADRIRDEVEAVTGGRPVAFEDVRK
LRHTGNVIVEAMRLRPAVWVLTRRAVAESELGGYRIPAGADIIYSPYAIQRDPKSYDDNLEFDPDRWLPERAANVPKYAM
KPFSAGKRKCPSDHFSMAQLTLITAALATKYRFEQVAGSNDAVRVGITLRPHDLLVRPVARHHHHHH
;
_entity_poly.pdbx_strand_id   A,B
#
# COMPACT_ATOMS: atom_id res chain seq x y z
N ARG A 22 -1.97 0.57 39.22
CA ARG A 22 -2.60 1.31 38.09
C ARG A 22 -1.57 2.06 37.24
N GLU A 23 -1.37 1.62 35.99
CA GLU A 23 -0.38 2.22 35.08
C GLU A 23 -0.99 2.58 33.72
N PRO A 24 -0.54 3.71 33.13
CA PRO A 24 -1.09 4.05 31.82
C PRO A 24 -0.37 3.27 30.72
N PRO A 25 -1.09 2.91 29.64
CA PRO A 25 -0.53 2.16 28.51
C PRO A 25 0.71 2.82 27.88
N VAL A 26 1.47 1.98 27.20
CA VAL A 26 2.71 2.35 26.53
C VAL A 26 2.45 2.91 25.10
N ALA A 27 3.19 3.94 24.68
CA ALA A 27 3.07 4.50 23.30
C ALA A 27 3.92 3.64 22.31
N GLY A 28 3.58 3.58 21.02
CA GLY A 28 4.30 2.74 20.05
C GLY A 28 5.46 3.37 19.26
N GLY A 29 5.16 4.13 18.20
CA GLY A 29 6.19 4.77 17.38
C GLY A 29 5.64 5.37 16.10
N GLY A 30 5.56 6.71 16.03
CA GLY A 30 5.01 7.37 14.84
C GLY A 30 5.74 8.64 14.42
N VAL A 31 5.06 9.49 13.65
CA VAL A 31 5.63 10.75 13.13
C VAL A 31 4.91 12.02 13.68
N PRO A 32 5.44 13.22 13.36
CA PRO A 32 4.99 14.57 13.73
C PRO A 32 3.46 14.75 13.83
N LEU A 33 2.88 15.36 12.79
CA LEU A 33 1.47 15.72 12.72
C LEU A 33 0.50 14.58 12.89
N LEU A 34 0.84 13.42 12.35
CA LEU A 34 -0.01 12.25 12.49
C LEU A 34 0.86 11.04 12.70
N GLY A 35 1.25 10.81 13.94
CA GLY A 35 2.13 9.72 14.31
C GLY A 35 1.82 8.39 13.68
N HIS A 36 0.97 7.65 14.37
CA HIS A 36 0.60 6.33 13.91
C HIS A 36 -0.33 6.42 12.73
N GLY A 37 -0.85 7.61 12.48
CA GLY A 37 -1.75 7.78 11.37
C GLY A 37 -1.10 7.29 10.10
N TRP A 38 0.21 7.50 9.98
CA TRP A 38 0.96 7.14 8.76
C TRP A 38 1.23 5.64 8.62
N ARG A 39 1.88 5.02 9.60
CA ARG A 39 2.14 3.57 9.53
C ARG A 39 0.81 2.85 9.35
N LEU A 40 -0.21 3.41 9.95
CA LEU A 40 -1.54 2.84 9.87
C LEU A 40 -2.05 2.83 8.42
N ALA A 41 -2.00 3.98 7.74
CA ALA A 41 -2.51 4.09 6.36
C ALA A 41 -1.69 3.31 5.36
N ARG A 42 -0.41 3.10 5.62
CA ARG A 42 0.43 2.37 4.68
C ARG A 42 0.07 0.91 4.60
N ASP A 43 -0.23 0.34 5.76
CA ASP A 43 -0.60 -1.06 5.88
C ASP A 43 -1.40 -1.32 7.15
N PRO A 44 -2.69 -0.98 7.15
CA PRO A 44 -3.60 -1.17 8.30
C PRO A 44 -3.43 -2.52 8.98
N LEU A 45 -3.58 -3.57 8.20
CA LEU A 45 -3.48 -4.93 8.70
C LEU A 45 -2.14 -5.21 9.39
N ALA A 46 -1.04 -4.73 8.79
CA ALA A 46 0.28 -4.98 9.38
C ALA A 46 0.46 -4.22 10.65
N PHE A 47 -0.04 -2.98 10.66
CA PHE A 47 0.08 -2.16 11.83
C PHE A 47 -0.61 -2.82 13.01
N MET A 48 -1.83 -3.28 12.78
CA MET A 48 -2.64 -3.91 13.83
C MET A 48 -1.99 -5.19 14.41
N SER A 49 -1.42 -6.03 13.55
CA SER A 49 -0.77 -7.25 14.03
C SER A 49 0.51 -6.92 14.80
N GLN A 50 1.11 -5.77 14.49
CA GLN A 50 2.34 -5.33 15.15
C GLN A 50 2.05 -4.95 16.62
N LEU A 51 1.11 -4.01 16.80
CA LEU A 51 0.66 -3.50 18.12
C LEU A 51 0.71 -4.58 19.19
N ARG A 52 0.28 -5.76 18.79
CA ARG A 52 0.19 -6.96 19.59
C ARG A 52 1.35 -7.16 20.58
N ASP A 53 2.58 -6.98 20.12
CA ASP A 53 3.69 -7.20 21.03
C ASP A 53 4.00 -6.00 21.89
N HIS A 54 3.74 -4.79 21.40
CA HIS A 54 3.98 -3.56 22.18
C HIS A 54 3.35 -3.66 23.59
N GLY A 55 2.50 -4.66 23.82
CA GLY A 55 1.86 -4.83 25.11
C GLY A 55 0.37 -5.12 25.01
N ASP A 56 -0.19 -5.65 26.08
CA ASP A 56 -1.60 -5.97 26.11
C ASP A 56 -2.46 -4.73 25.78
N VAL A 57 -2.02 -3.56 26.24
CA VAL A 57 -2.68 -2.33 25.84
C VAL A 57 -1.63 -1.26 25.65
N VAL A 58 -1.75 -0.56 24.55
CA VAL A 58 -0.81 0.47 24.19
C VAL A 58 -1.55 1.71 23.76
N ARG A 59 -0.89 2.84 23.83
CA ARG A 59 -1.54 4.07 23.40
C ARG A 59 -0.95 4.54 22.09
N ILE A 60 -1.81 4.88 21.13
CA ILE A 60 -1.34 5.33 19.85
C ILE A 60 -1.95 6.67 19.52
N LYS A 61 -1.20 7.47 18.78
CA LYS A 61 -1.65 8.79 18.41
C LYS A 61 -2.03 8.87 16.94
N LEU A 62 -3.30 9.18 16.75
CA LEU A 62 -3.84 9.40 15.43
C LEU A 62 -3.90 10.89 15.23
N GLY A 63 -2.79 11.44 14.81
CA GLY A 63 -2.77 12.87 14.65
C GLY A 63 -2.73 13.50 16.03
N PRO A 64 -3.66 14.40 16.34
CA PRO A 64 -3.61 15.01 17.66
C PRO A 64 -4.18 14.14 18.77
N LYS A 65 -5.24 13.39 18.49
CA LYS A 65 -5.86 12.60 19.57
C LYS A 65 -5.24 11.22 19.77
N THR A 66 -5.35 10.77 21.02
CA THR A 66 -4.81 9.49 21.44
C THR A 66 -5.91 8.44 21.52
N VAL A 67 -5.56 7.20 21.19
CA VAL A 67 -6.51 6.13 21.28
C VAL A 67 -5.81 4.96 21.96
N TYR A 68 -6.57 4.10 22.63
CA TYR A 68 -5.98 2.96 23.28
C TYR A 68 -6.23 1.69 22.46
N ALA A 69 -5.19 0.87 22.37
CA ALA A 69 -5.28 -0.35 21.62
C ALA A 69 -5.18 -1.55 22.55
N VAL A 70 -6.25 -2.34 22.60
CA VAL A 70 -6.27 -3.59 23.38
C VAL A 70 -5.99 -4.78 22.42
N THR A 71 -4.81 -5.39 22.57
CA THR A 71 -4.32 -6.46 21.70
C THR A 71 -4.38 -7.86 22.30
N ASN A 72 -4.99 -8.03 23.45
CA ASN A 72 -5.03 -9.36 24.08
C ASN A 72 -6.44 -9.94 24.11
N PRO A 73 -6.61 -11.22 23.74
CA PRO A 73 -7.90 -11.91 23.70
C PRO A 73 -8.70 -11.82 25.01
N GLU A 74 -8.02 -11.72 26.15
CA GLU A 74 -8.67 -11.66 27.46
C GLU A 74 -9.22 -10.26 27.75
N LEU A 75 -8.44 -9.25 27.39
CA LEU A 75 -8.83 -7.87 27.58
C LEU A 75 -9.83 -7.44 26.50
N THR A 76 -9.83 -8.08 25.34
CA THR A 76 -10.77 -7.71 24.29
C THR A 76 -12.13 -8.27 24.59
N GLY A 77 -12.18 -9.37 25.33
CA GLY A 77 -13.45 -9.95 25.72
C GLY A 77 -14.06 -9.11 26.84
N ALA A 78 -13.18 -8.67 27.72
CA ALA A 78 -13.57 -7.82 28.82
C ALA A 78 -14.09 -6.50 28.28
N LEU A 79 -13.52 -6.14 27.15
CA LEU A 79 -13.82 -4.92 26.43
C LEU A 79 -15.20 -4.93 25.80
N ALA A 80 -15.64 -6.11 25.39
CA ALA A 80 -16.93 -6.25 24.74
C ALA A 80 -18.01 -6.63 25.72
N LEU A 81 -17.63 -7.28 26.82
CA LEU A 81 -18.62 -7.70 27.80
C LEU A 81 -18.90 -6.65 28.86
N ASN A 82 -18.05 -5.64 28.93
CA ASN A 82 -18.27 -4.57 29.89
C ASN A 82 -19.19 -3.52 29.27
N PRO A 83 -20.35 -3.29 29.91
CA PRO A 83 -21.28 -2.29 29.35
C PRO A 83 -20.76 -0.85 29.48
N ASP A 84 -19.63 -0.66 30.16
CA ASP A 84 -19.08 0.69 30.33
C ASP A 84 -18.42 1.20 29.05
N TYR A 85 -18.73 0.56 27.93
CA TYR A 85 -18.20 0.92 26.65
C TYR A 85 -19.31 0.90 25.57
N ARG A 116 -32.47 -1.84 22.12
CA ARG A 116 -33.71 -2.12 21.40
C ARG A 116 -33.95 -3.63 21.25
N ARG A 117 -34.62 -4.22 22.23
CA ARG A 117 -34.94 -5.65 22.19
C ARG A 117 -35.89 -5.91 21.05
N THR A 118 -36.35 -4.83 20.42
CA THR A 118 -37.28 -4.88 19.30
C THR A 118 -36.78 -5.88 18.25
N ILE A 119 -35.48 -5.75 18.00
CA ILE A 119 -34.72 -6.53 17.02
C ILE A 119 -34.48 -8.00 17.42
N GLN A 120 -34.44 -8.29 18.72
CA GLN A 120 -34.18 -9.64 19.20
C GLN A 120 -35.15 -10.72 18.65
N PRO A 121 -36.48 -10.45 18.66
CA PRO A 121 -37.43 -11.46 18.17
C PRO A 121 -37.30 -11.79 16.68
N ALA A 122 -36.60 -10.97 15.89
CA ALA A 122 -36.49 -11.26 14.46
C ALA A 122 -35.22 -12.06 14.14
N PHE A 123 -34.24 -12.02 15.04
CA PHE A 123 -32.98 -12.72 14.82
C PHE A 123 -32.72 -13.88 15.81
N ARG A 124 -33.64 -14.17 16.73
CA ARG A 124 -33.42 -15.29 17.65
C ARG A 124 -33.39 -16.62 16.90
N LEU A 125 -32.97 -17.70 17.55
CA LEU A 125 -32.88 -18.97 16.85
C LEU A 125 -34.24 -19.47 16.39
N ASP A 126 -35.28 -18.90 16.97
CA ASP A 126 -36.64 -19.32 16.68
C ASP A 126 -37.23 -18.62 15.46
N ALA A 127 -36.64 -17.51 15.04
CA ALA A 127 -37.19 -16.80 13.89
C ALA A 127 -36.43 -17.14 12.61
N ILE A 128 -35.37 -17.92 12.74
CA ILE A 128 -34.58 -18.28 11.57
C ILE A 128 -35.10 -19.54 10.87
N PRO A 129 -35.72 -20.50 11.60
CA PRO A 129 -36.20 -21.66 10.87
C PRO A 129 -37.30 -21.30 9.88
N ALA A 130 -37.85 -20.10 10.07
CA ALA A 130 -38.94 -19.58 9.27
C ALA A 130 -38.45 -18.84 8.06
N TYR A 131 -37.20 -18.43 8.11
CA TYR A 131 -36.60 -17.73 6.98
C TYR A 131 -35.98 -18.76 6.04
N GLY A 132 -35.76 -19.96 6.60
CA GLY A 132 -35.16 -21.07 5.91
C GLY A 132 -35.55 -21.24 4.46
N PRO A 133 -36.85 -21.30 4.13
CA PRO A 133 -37.25 -21.46 2.74
C PRO A 133 -36.61 -20.42 1.83
N ILE A 134 -36.70 -19.13 2.17
CA ILE A 134 -36.09 -18.12 1.30
C ILE A 134 -34.56 -18.34 1.20
N MET A 135 -33.93 -18.79 2.27
CA MET A 135 -32.49 -19.05 2.26
C MET A 135 -32.18 -20.18 1.25
N GLU A 136 -32.86 -21.31 1.41
CA GLU A 136 -32.67 -22.44 0.51
C GLU A 136 -32.88 -21.97 -0.93
N GLU A 137 -33.96 -21.22 -1.12
CA GLU A 137 -34.37 -20.71 -2.42
C GLU A 137 -33.28 -19.87 -3.08
N GLU A 138 -32.77 -18.90 -2.35
CA GLU A 138 -31.74 -18.02 -2.89
C GLU A 138 -30.45 -18.77 -3.19
N ALA A 139 -30.12 -19.71 -2.31
CA ALA A 139 -28.90 -20.47 -2.48
C ALA A 139 -28.93 -21.29 -3.77
N HIS A 140 -29.90 -22.20 -3.86
CA HIS A 140 -30.02 -23.08 -5.02
C HIS A 140 -30.19 -22.33 -6.31
N ALA A 141 -30.67 -21.08 -6.20
CA ALA A 141 -30.87 -20.24 -7.38
C ALA A 141 -29.54 -19.73 -7.89
N LEU A 142 -28.54 -19.74 -7.01
CA LEU A 142 -27.19 -19.30 -7.39
C LEU A 142 -26.53 -20.40 -8.18
N THR A 143 -26.89 -21.61 -7.78
CA THR A 143 -26.41 -22.85 -8.33
C THR A 143 -26.77 -22.98 -9.82
N GLU A 144 -27.88 -22.37 -10.24
CA GLU A 144 -28.27 -22.40 -11.64
C GLU A 144 -27.70 -21.19 -12.32
N ARG A 145 -27.85 -20.06 -11.65
CA ARG A 145 -27.37 -18.76 -12.11
C ARG A 145 -25.91 -18.85 -12.55
N TRP A 146 -25.10 -19.57 -11.78
CA TRP A 146 -23.72 -19.77 -12.17
C TRP A 146 -23.64 -21.09 -12.90
N GLN A 147 -22.86 -21.11 -13.96
CA GLN A 147 -22.71 -22.32 -14.77
C GLN A 147 -21.24 -22.65 -15.01
N PRO A 148 -20.91 -23.92 -15.20
CA PRO A 148 -19.51 -24.29 -15.44
C PRO A 148 -18.91 -23.49 -16.62
N GLY A 149 -17.63 -23.16 -16.52
CA GLY A 149 -17.00 -22.45 -17.60
C GLY A 149 -17.07 -20.94 -17.51
N LYS A 150 -18.18 -20.37 -17.03
CA LYS A 150 -18.24 -18.91 -16.94
C LYS A 150 -17.66 -18.39 -15.62
N THR A 151 -16.80 -17.37 -15.68
CA THR A 151 -16.26 -16.87 -14.43
C THR A 151 -17.30 -16.07 -13.69
N VAL A 152 -17.23 -16.20 -12.39
CA VAL A 152 -18.11 -15.50 -11.51
C VAL A 152 -17.44 -14.23 -11.00
N ASP A 153 -18.13 -13.10 -11.09
CA ASP A 153 -17.57 -11.88 -10.52
C ASP A 153 -17.97 -11.81 -9.06
N ALA A 154 -17.06 -12.27 -8.21
CA ALA A 154 -17.29 -12.36 -6.80
C ALA A 154 -17.82 -11.07 -6.19
N THR A 155 -17.15 -9.93 -6.37
CA THR A 155 -17.63 -8.69 -5.78
C THR A 155 -19.08 -8.41 -6.16
N SER A 156 -19.36 -8.49 -7.44
CA SER A 156 -20.69 -8.21 -7.96
C SER A 156 -21.71 -9.26 -7.53
N GLU A 157 -21.38 -10.53 -7.71
CA GLU A 157 -22.29 -11.60 -7.39
C GLU A 157 -22.46 -11.87 -5.90
N SER A 158 -21.44 -11.64 -5.08
CA SER A 158 -21.58 -11.87 -3.62
C SER A 158 -22.45 -10.78 -3.00
N PHE A 159 -22.27 -9.55 -3.48
CA PHE A 159 -23.01 -8.44 -2.94
C PHE A 159 -24.49 -8.59 -3.20
N ARG A 160 -24.82 -9.18 -4.33
CA ARG A 160 -26.21 -9.37 -4.70
C ARG A 160 -26.91 -10.43 -3.83
N VAL A 161 -26.28 -11.60 -3.69
CA VAL A 161 -26.86 -12.67 -2.88
C VAL A 161 -27.07 -12.18 -1.47
N ALA A 162 -26.18 -11.29 -1.05
CA ALA A 162 -26.23 -10.70 0.28
C ALA A 162 -27.48 -9.85 0.46
N VAL A 163 -27.72 -8.95 -0.46
CA VAL A 163 -28.88 -8.07 -0.37
C VAL A 163 -30.19 -8.88 -0.38
N ARG A 164 -30.28 -9.79 -1.35
CA ARG A 164 -31.47 -10.63 -1.53
C ARG A 164 -31.78 -11.50 -0.32
N VAL A 165 -30.78 -12.12 0.29
CA VAL A 165 -31.10 -12.95 1.45
C VAL A 165 -31.62 -12.09 2.60
N ALA A 166 -30.88 -11.02 2.87
CA ALA A 166 -31.24 -10.09 3.94
C ALA A 166 -32.61 -9.48 3.75
N ALA A 167 -32.80 -8.84 2.59
CA ALA A 167 -34.04 -8.17 2.27
C ALA A 167 -35.21 -9.12 2.20
N ARG A 168 -35.04 -10.29 1.60
CA ARG A 168 -36.19 -11.17 1.47
C ARG A 168 -36.56 -11.88 2.75
N CYS A 169 -35.63 -12.12 3.66
CA CYS A 169 -36.03 -12.79 4.90
C CYS A 169 -36.56 -11.79 5.92
N LEU A 170 -35.84 -10.67 6.04
CA LEU A 170 -36.17 -9.60 6.98
C LEU A 170 -37.33 -8.73 6.50
N LEU A 171 -37.73 -8.89 5.23
CA LEU A 171 -38.85 -8.15 4.62
C LEU A 171 -39.52 -9.06 3.58
N ARG A 172 -40.84 -9.14 3.52
CA ARG A 172 -41.42 -10.05 2.53
C ARG A 172 -42.53 -9.41 1.69
N GLY A 173 -42.56 -9.67 0.37
CA GLY A 173 -43.62 -9.12 -0.46
C GLY A 173 -43.18 -8.51 -1.78
N GLN A 174 -43.30 -7.20 -1.88
CA GLN A 174 -42.94 -6.48 -3.10
C GLN A 174 -41.42 -6.38 -3.18
N TYR A 175 -40.93 -7.05 -4.22
CA TYR A 175 -39.52 -7.24 -4.42
C TYR A 175 -38.67 -6.06 -4.77
N MET A 176 -37.61 -6.07 -3.98
CA MET A 176 -36.50 -5.14 -3.92
C MET A 176 -35.35 -5.75 -4.72
N ASP A 177 -35.75 -6.72 -5.53
CA ASP A 177 -34.88 -7.51 -6.38
C ASP A 177 -33.59 -6.80 -6.79
N GLU A 178 -33.50 -6.41 -8.05
CA GLU A 178 -32.28 -5.81 -8.51
C GLU A 178 -32.18 -4.36 -8.17
N ARG A 179 -33.30 -3.70 -7.92
CA ARG A 179 -33.19 -2.30 -7.60
C ARG A 179 -32.37 -2.10 -6.33
N ALA A 180 -32.72 -2.75 -5.23
CA ALA A 180 -31.96 -2.60 -4.01
C ALA A 180 -30.48 -2.88 -4.24
N GLU A 181 -30.18 -3.99 -4.91
CA GLU A 181 -28.81 -4.42 -5.18
C GLU A 181 -27.96 -3.33 -5.78
N ARG A 182 -28.44 -2.76 -6.88
CA ARG A 182 -27.76 -1.70 -7.63
C ARG A 182 -27.47 -0.45 -6.79
N LEU A 183 -28.48 0.05 -6.09
CA LEU A 183 -28.29 1.23 -5.25
C LEU A 183 -27.19 0.93 -4.25
N CYS A 184 -27.35 -0.19 -3.55
CA CYS A 184 -26.40 -0.62 -2.56
C CYS A 184 -25.00 -0.86 -3.15
N VAL A 185 -24.96 -1.17 -4.43
CA VAL A 185 -23.71 -1.40 -5.13
C VAL A 185 -22.97 -0.08 -5.34
N ALA A 186 -23.62 0.82 -6.06
CA ALA A 186 -23.05 2.13 -6.36
C ALA A 186 -22.56 2.81 -5.09
N LEU A 187 -23.21 2.51 -3.97
CA LEU A 187 -22.87 3.12 -2.70
C LEU A 187 -21.60 2.55 -2.09
N ALA A 188 -21.53 1.23 -2.03
CA ALA A 188 -20.38 0.52 -1.45
C ALA A 188 -19.07 0.91 -2.14
N THR A 189 -19.15 1.22 -3.44
CA THR A 189 -17.97 1.60 -4.22
C THR A 189 -17.58 3.05 -3.95
N VAL A 190 -18.56 3.87 -3.59
CA VAL A 190 -18.29 5.27 -3.27
C VAL A 190 -17.36 5.34 -2.06
N PHE A 191 -17.56 4.41 -1.14
CA PHE A 191 -16.80 4.34 0.09
C PHE A 191 -15.33 3.97 -0.13
N ARG A 192 -15.07 2.86 -0.80
CA ARG A 192 -13.70 2.42 -1.02
C ARG A 192 -12.76 3.54 -1.47
N GLY A 193 -12.97 4.07 -2.67
CA GLY A 193 -12.08 5.12 -3.13
C GLY A 193 -12.78 6.12 -4.03
N ASP A 218 -27.33 9.26 -7.47
CA ASP A 218 -28.63 8.75 -7.83
C ASP A 218 -28.88 7.36 -7.26
N ALA A 219 -28.14 6.98 -6.23
CA ALA A 219 -28.36 5.66 -5.67
C ALA A 219 -28.98 5.78 -4.29
N LEU A 220 -28.43 6.72 -3.51
CA LEU A 220 -28.90 6.98 -2.17
C LEU A 220 -30.37 7.32 -2.19
N ALA A 221 -30.76 8.23 -3.08
CA ALA A 221 -32.15 8.62 -3.15
C ALA A 221 -33.05 7.44 -3.37
N ASP A 222 -32.66 6.60 -4.31
CA ASP A 222 -33.43 5.42 -4.64
C ASP A 222 -33.54 4.48 -3.45
N LEU A 223 -32.44 4.40 -2.72
CA LEU A 223 -32.40 3.55 -1.54
C LEU A 223 -33.42 4.06 -0.51
N HIS A 224 -33.48 5.37 -0.33
CA HIS A 224 -34.41 5.98 0.63
C HIS A 224 -35.81 5.87 0.11
N LEU A 225 -35.89 6.11 -1.19
CA LEU A 225 -37.10 6.03 -1.98
C LEU A 225 -37.73 4.66 -1.81
N LEU A 226 -36.92 3.66 -2.09
CA LEU A 226 -37.35 2.28 -2.01
C LEU A 226 -37.63 1.84 -0.57
N VAL A 227 -36.80 2.25 0.38
CA VAL A 227 -37.03 1.87 1.79
C VAL A 227 -38.38 2.39 2.27
N ASP A 228 -38.71 3.60 1.88
CA ASP A 228 -39.99 4.15 2.27
C ASP A 228 -41.10 3.41 1.60
N GLU A 229 -41.05 3.42 0.27
CA GLU A 229 -42.07 2.76 -0.55
C GLU A 229 -42.34 1.34 -0.09
N ILE A 230 -41.30 0.62 0.30
CA ILE A 230 -41.46 -0.74 0.78
C ILE A 230 -42.17 -0.77 2.12
N ILE A 231 -41.86 0.16 3.01
CA ILE A 231 -42.53 0.16 4.31
C ILE A 231 -44.04 0.40 4.12
N ALA A 232 -44.36 1.31 3.21
CA ALA A 232 -45.74 1.70 2.93
C ALA A 232 -46.57 0.55 2.44
N GLU A 233 -45.92 -0.48 1.88
CA GLU A 233 -46.65 -1.63 1.38
C GLU A 233 -46.91 -2.72 2.43
N ARG A 234 -46.07 -2.87 3.44
CA ARG A 234 -46.40 -3.89 4.43
C ARG A 234 -47.51 -3.38 5.32
N ARG A 235 -47.74 -2.07 5.27
CA ARG A 235 -48.79 -1.47 6.07
C ARG A 235 -50.14 -2.08 5.70
N ALA A 236 -50.30 -2.47 4.43
CA ALA A 236 -51.54 -3.13 3.98
C ALA A 236 -51.81 -4.38 4.88
N SER A 237 -51.20 -5.51 4.57
CA SER A 237 -51.36 -6.68 5.43
C SER A 237 -50.00 -7.31 5.74
N GLY A 238 -49.55 -7.17 7.00
CA GLY A 238 -48.27 -7.74 7.41
C GLY A 238 -48.46 -8.59 8.65
N GLN A 239 -49.52 -9.37 8.60
CA GLN A 239 -49.99 -10.26 9.66
C GLN A 239 -48.88 -11.04 10.35
N LYS A 240 -48.47 -12.16 9.76
CA LYS A 240 -47.44 -13.04 10.34
C LYS A 240 -45.99 -12.56 10.11
N PRO A 241 -45.74 -11.53 9.24
CA PRO A 241 -44.38 -11.07 9.03
C PRO A 241 -43.56 -10.94 10.33
N ASP A 242 -42.92 -12.00 10.75
CA ASP A 242 -42.10 -11.96 11.95
C ASP A 242 -40.77 -11.27 11.62
N ASP A 243 -40.62 -10.91 10.36
CA ASP A 243 -39.43 -10.26 9.89
C ASP A 243 -39.14 -9.03 10.73
N LEU A 244 -37.99 -8.44 10.52
CA LEU A 244 -37.69 -7.28 11.29
C LEU A 244 -38.73 -6.18 11.01
N LEU A 245 -39.03 -5.89 9.73
CA LEU A 245 -39.97 -4.81 9.40
C LEU A 245 -41.22 -4.80 10.27
N THR A 246 -41.85 -5.96 10.48
CA THR A 246 -43.03 -5.98 11.32
C THR A 246 -42.64 -5.91 12.77
N ALA A 247 -41.46 -6.41 13.09
CA ALA A 247 -41.00 -6.32 14.47
C ALA A 247 -40.72 -4.86 14.81
N LEU A 248 -40.31 -4.12 13.77
CA LEU A 248 -39.96 -2.69 13.83
C LEU A 248 -41.19 -1.79 13.79
N LEU A 249 -42.31 -2.34 13.31
CA LEU A 249 -43.53 -1.56 13.23
C LEU A 249 -44.37 -1.70 14.49
N GLU A 250 -43.94 -2.51 15.44
CA GLU A 250 -44.74 -2.67 16.63
C GLU A 250 -44.01 -2.25 17.91
N ALA A 251 -42.99 -1.40 17.76
CA ALA A 251 -42.20 -0.90 18.89
C ALA A 251 -42.57 0.53 19.24
N GLY A 260 -42.09 6.02 16.29
CA GLY A 260 -41.39 6.94 15.41
C GLY A 260 -41.66 6.66 13.94
N GLU A 261 -41.84 7.72 13.16
CA GLU A 261 -42.15 7.60 11.74
C GLU A 261 -40.93 7.33 10.88
N GLN A 262 -39.93 8.19 10.99
CA GLN A 262 -38.73 8.00 10.20
C GLN A 262 -37.72 7.15 10.94
N GLU A 263 -37.96 6.91 12.23
CA GLU A 263 -37.04 6.08 12.98
C GLU A 263 -36.94 4.68 12.35
N ILE A 264 -38.08 4.17 11.86
CA ILE A 264 -38.15 2.85 11.23
C ILE A 264 -37.37 2.83 9.92
N HIS A 265 -37.67 3.78 9.07
CA HIS A 265 -36.99 3.90 7.80
C HIS A 265 -35.46 3.91 8.05
N ASP A 266 -35.04 4.55 9.12
CA ASP A 266 -33.61 4.62 9.42
C ASP A 266 -33.11 3.33 10.07
N GLN A 267 -33.85 2.77 11.02
CA GLN A 267 -33.39 1.54 11.64
C GLN A 267 -33.39 0.39 10.66
N VAL A 268 -34.06 0.57 9.53
CA VAL A 268 -34.07 -0.46 8.51
C VAL A 268 -32.87 -0.25 7.61
N VAL A 269 -32.73 0.98 7.14
CA VAL A 269 -31.63 1.33 6.27
C VAL A 269 -30.32 1.14 6.97
N ALA A 270 -30.35 1.21 8.29
CA ALA A 270 -29.15 1.09 9.09
C ALA A 270 -28.79 -0.37 9.39
N ILE A 271 -29.76 -1.25 9.36
CA ILE A 271 -29.46 -2.64 9.66
C ILE A 271 -29.09 -3.41 8.40
N LEU A 272 -29.81 -3.14 7.34
CA LEU A 272 -29.62 -3.86 6.10
C LEU A 272 -28.34 -3.44 5.39
N THR A 273 -27.97 -2.18 5.51
CA THR A 273 -26.78 -1.73 4.79
C THR A 273 -25.49 -2.48 5.20
N PRO A 274 -25.03 -2.34 6.46
CA PRO A 274 -23.80 -3.05 6.87
C PRO A 274 -23.89 -4.55 6.68
N GLY A 275 -24.94 -5.13 7.25
CA GLY A 275 -25.17 -6.55 7.15
C GLY A 275 -25.00 -7.12 5.77
N SER A 276 -25.37 -6.37 4.75
CA SER A 276 -25.22 -6.88 3.40
C SER A 276 -23.78 -6.87 2.96
N GLU A 277 -23.13 -5.73 3.08
CA GLU A 277 -21.76 -5.67 2.69
C GLU A 277 -20.92 -6.65 3.49
N THR A 278 -21.31 -6.87 4.74
CA THR A 278 -20.59 -7.75 5.65
C THR A 278 -20.70 -9.22 5.24
N ILE A 279 -21.92 -9.70 4.97
CA ILE A 279 -22.12 -11.08 4.56
C ILE A 279 -21.54 -11.28 3.16
N ALA A 280 -21.61 -10.24 2.34
CA ALA A 280 -21.08 -10.29 0.99
C ALA A 280 -19.57 -10.51 1.00
N SER A 281 -18.86 -9.68 1.74
CA SER A 281 -17.41 -9.81 1.87
C SER A 281 -17.07 -11.18 2.40
N THR A 282 -17.92 -11.71 3.26
CA THR A 282 -17.66 -13.03 3.82
C THR A 282 -17.84 -14.11 2.74
N ILE A 283 -18.81 -13.92 1.88
CA ILE A 283 -19.05 -14.86 0.82
C ILE A 283 -17.87 -14.87 -0.14
N MET A 284 -17.33 -13.70 -0.44
CA MET A 284 -16.19 -13.66 -1.35
C MET A 284 -15.05 -14.53 -0.81
N TRP A 285 -14.75 -14.43 0.48
CA TRP A 285 -13.67 -15.22 1.06
C TRP A 285 -14.00 -16.71 1.09
N LEU A 286 -15.28 -17.04 1.12
CA LEU A 286 -15.71 -18.43 1.12
C LEU A 286 -15.48 -19.01 -0.26
N LEU A 287 -15.78 -18.22 -1.30
CA LEU A 287 -15.54 -18.64 -2.70
C LEU A 287 -14.04 -18.84 -2.90
N GLN A 288 -13.26 -17.97 -2.28
CA GLN A 288 -11.84 -18.09 -2.37
C GLN A 288 -11.37 -19.37 -1.69
N ALA A 289 -11.98 -19.72 -0.55
CA ALA A 289 -11.61 -20.93 0.17
C ALA A 289 -11.92 -22.21 -0.64
N LEU A 290 -13.10 -22.25 -1.27
CA LEU A 290 -13.52 -23.40 -2.07
C LEU A 290 -12.66 -23.61 -3.32
N ALA A 291 -12.03 -22.55 -3.83
CA ALA A 291 -11.19 -22.71 -5.00
C ALA A 291 -9.76 -23.02 -4.59
N ASP A 292 -9.31 -22.49 -3.44
CA ASP A 292 -7.95 -22.72 -2.96
C ASP A 292 -7.80 -24.04 -2.23
N HIS A 293 -8.91 -24.58 -1.71
CA HIS A 293 -8.83 -25.84 -1.00
C HIS A 293 -9.89 -26.81 -1.49
N PRO A 294 -9.64 -27.48 -2.63
CA PRO A 294 -10.59 -28.43 -3.21
C PRO A 294 -10.87 -29.59 -2.29
N GLU A 295 -9.88 -29.90 -1.44
CA GLU A 295 -9.99 -30.98 -0.47
C GLU A 295 -11.21 -30.79 0.45
N HIS A 296 -11.41 -29.58 0.96
CA HIS A 296 -12.55 -29.37 1.83
C HIS A 296 -13.77 -29.13 1.01
N ALA A 297 -13.59 -28.51 -0.15
CA ALA A 297 -14.74 -28.26 -1.02
C ALA A 297 -15.47 -29.56 -1.23
N ASP A 298 -14.72 -30.61 -1.58
CA ASP A 298 -15.31 -31.92 -1.82
C ASP A 298 -15.74 -32.61 -0.52
N ARG A 299 -14.89 -32.52 0.50
CA ARG A 299 -15.23 -33.09 1.81
C ARG A 299 -16.59 -32.56 2.24
N ILE A 300 -16.87 -31.33 1.83
CA ILE A 300 -18.13 -30.69 2.13
C ILE A 300 -19.22 -31.33 1.30
N ARG A 301 -18.89 -31.64 0.06
CA ARG A 301 -19.87 -32.27 -0.82
C ARG A 301 -20.23 -33.65 -0.30
N ASP A 302 -19.25 -34.34 0.28
CA ASP A 302 -19.48 -35.68 0.83
C ASP A 302 -20.38 -35.62 2.04
N GLU A 303 -20.10 -34.66 2.91
CA GLU A 303 -20.89 -34.46 4.11
C GLU A 303 -22.34 -34.08 3.78
N VAL A 304 -22.54 -33.33 2.71
CA VAL A 304 -23.87 -32.88 2.30
C VAL A 304 -24.66 -34.00 1.67
N GLU A 305 -24.03 -34.72 0.75
CA GLU A 305 -24.68 -35.83 0.07
C GLU A 305 -25.12 -36.88 1.07
N ALA A 306 -24.31 -37.14 2.08
CA ALA A 306 -24.69 -38.11 3.10
C ALA A 306 -25.99 -37.71 3.76
N VAL A 307 -25.95 -36.53 4.35
CA VAL A 307 -27.10 -35.99 5.06
C VAL A 307 -28.29 -35.73 4.16
N THR A 308 -28.06 -35.08 3.03
CA THR A 308 -29.13 -34.68 2.13
C THR A 308 -29.61 -35.80 1.19
N GLY A 309 -28.77 -36.83 1.02
CA GLY A 309 -29.14 -37.87 0.08
C GLY A 309 -28.94 -37.33 -1.32
N GLY A 310 -29.87 -36.49 -1.75
CA GLY A 310 -29.81 -35.88 -3.06
C GLY A 310 -30.61 -34.60 -3.09
N ARG A 311 -31.61 -34.55 -2.23
CA ARG A 311 -32.48 -33.38 -2.14
C ARG A 311 -31.63 -32.12 -1.91
N PRO A 312 -32.02 -31.02 -2.56
CA PRO A 312 -31.26 -29.78 -2.36
C PRO A 312 -31.18 -29.41 -0.86
N VAL A 313 -29.98 -29.11 -0.36
CA VAL A 313 -29.80 -28.79 1.06
C VAL A 313 -30.91 -27.89 1.61
N ALA A 314 -31.25 -28.08 2.89
CA ALA A 314 -32.29 -27.29 3.57
C ALA A 314 -31.87 -26.88 4.98
N PHE A 315 -32.58 -25.94 5.57
CA PHE A 315 -32.27 -25.46 6.91
C PHE A 315 -31.91 -26.60 7.83
N GLU A 316 -32.81 -27.56 7.93
CA GLU A 316 -32.62 -28.71 8.82
C GLU A 316 -31.29 -29.37 8.59
N ASP A 317 -30.86 -29.37 7.35
CA ASP A 317 -29.62 -30.01 7.04
C ASP A 317 -28.45 -29.24 7.62
N VAL A 318 -28.51 -27.91 7.50
CA VAL A 318 -27.40 -27.08 7.95
C VAL A 318 -26.97 -27.40 9.37
N ARG A 319 -27.91 -27.77 10.22
CA ARG A 319 -27.59 -28.06 11.60
C ARG A 319 -26.83 -29.37 11.78
N LYS A 320 -26.58 -30.06 10.68
CA LYS A 320 -25.85 -31.33 10.69
C LYS A 320 -24.50 -31.23 9.96
N LEU A 321 -24.41 -30.36 8.96
CA LEU A 321 -23.19 -30.18 8.19
C LEU A 321 -22.12 -29.50 9.03
N ARG A 322 -21.43 -30.29 9.84
CA ARG A 322 -20.38 -29.78 10.71
C ARG A 322 -19.17 -29.27 9.91
N HIS A 323 -18.61 -30.13 9.07
CA HIS A 323 -17.43 -29.74 8.32
C HIS A 323 -17.67 -28.47 7.58
N THR A 324 -18.82 -28.36 6.94
CA THR A 324 -19.16 -27.15 6.20
C THR A 324 -18.99 -25.92 7.10
N GLY A 325 -19.47 -26.07 8.34
CA GLY A 325 -19.41 -25.01 9.32
C GLY A 325 -18.00 -24.65 9.73
N ASN A 326 -17.12 -25.65 9.79
CA ASN A 326 -15.72 -25.43 10.16
C ASN A 326 -14.96 -24.65 9.11
N VAL A 327 -15.23 -24.98 7.86
CA VAL A 327 -14.60 -24.27 6.77
C VAL A 327 -14.92 -22.79 6.87
N ILE A 328 -16.20 -22.48 7.09
CA ILE A 328 -16.68 -21.10 7.20
C ILE A 328 -16.01 -20.36 8.37
N VAL A 329 -15.92 -21.02 9.53
CA VAL A 329 -15.27 -20.38 10.65
C VAL A 329 -13.79 -20.13 10.35
N GLU A 330 -13.13 -21.14 9.82
CA GLU A 330 -11.73 -21.02 9.51
C GLU A 330 -11.51 -19.95 8.46
N ALA A 331 -12.43 -19.80 7.51
CA ALA A 331 -12.28 -18.76 6.51
C ALA A 331 -12.49 -17.40 7.13
N MET A 332 -13.45 -17.30 8.05
CA MET A 332 -13.76 -16.05 8.75
C MET A 332 -12.64 -15.64 9.74
N ARG A 333 -11.97 -16.63 10.32
CA ARG A 333 -10.91 -16.34 11.24
C ARG A 333 -9.74 -15.65 10.55
N LEU A 334 -9.30 -16.19 9.43
CA LEU A 334 -8.16 -15.63 8.70
C LEU A 334 -8.50 -14.36 7.93
N ARG A 335 -9.76 -14.23 7.49
CA ARG A 335 -10.19 -13.07 6.71
C ARG A 335 -11.52 -12.57 7.20
N PRO A 336 -11.58 -11.88 8.33
CA PRO A 336 -12.90 -11.43 8.77
C PRO A 336 -13.32 -10.13 8.11
N ALA A 337 -14.59 -10.04 7.70
CA ALA A 337 -15.06 -8.82 7.10
C ALA A 337 -14.81 -7.68 8.06
N VAL A 338 -15.29 -7.80 9.30
CA VAL A 338 -14.98 -6.74 10.25
C VAL A 338 -13.62 -7.04 10.93
N TRP A 339 -12.61 -6.21 10.61
CA TRP A 339 -11.25 -6.38 11.09
C TRP A 339 -10.87 -5.44 12.26
N VAL A 340 -11.64 -4.36 12.46
CA VAL A 340 -11.45 -3.42 13.57
C VAL A 340 -12.77 -3.18 14.28
N LEU A 341 -12.67 -2.77 15.55
CA LEU A 341 -13.83 -2.44 16.36
C LEU A 341 -13.43 -1.34 17.35
N THR A 342 -14.36 -0.41 17.64
CA THR A 342 -14.05 0.70 18.53
C THR A 342 -14.99 0.77 19.70
N ARG A 343 -14.51 1.36 20.78
CA ARG A 343 -15.28 1.52 21.98
C ARG A 343 -14.93 2.83 22.65
N ARG A 344 -15.84 3.37 23.44
CA ARG A 344 -15.55 4.58 24.17
C ARG A 344 -15.83 4.35 25.63
N ALA A 345 -14.84 4.67 26.47
CA ALA A 345 -14.97 4.49 27.91
C ALA A 345 -15.86 5.57 28.51
N VAL A 346 -16.88 5.17 29.26
CA VAL A 346 -17.80 6.13 29.90
C VAL A 346 -17.23 6.58 31.24
N ALA A 347 -16.85 5.61 32.06
CA ALA A 347 -16.25 5.88 33.36
C ALA A 347 -14.76 5.50 33.34
N GLU A 348 -13.95 6.13 34.17
CA GLU A 348 -12.54 5.76 34.21
C GLU A 348 -12.46 4.28 34.47
N SER A 349 -11.59 3.57 33.76
CA SER A 349 -11.56 2.14 33.92
C SER A 349 -10.16 1.59 34.13
N GLU A 350 -10.13 0.29 34.40
CA GLU A 350 -8.92 -0.49 34.59
C GLU A 350 -8.96 -1.78 33.73
N LEU A 351 -7.90 -2.01 32.96
CA LEU A 351 -7.79 -3.18 32.06
C LEU A 351 -6.40 -3.77 32.09
N GLY A 352 -6.29 -5.04 32.46
CA GLY A 352 -4.98 -5.68 32.51
C GLY A 352 -3.99 -4.91 33.37
N GLY A 353 -4.49 -4.33 34.45
CA GLY A 353 -3.62 -3.56 35.33
C GLY A 353 -3.34 -2.15 34.83
N TYR A 354 -3.91 -1.82 33.67
CA TYR A 354 -3.72 -0.52 33.08
C TYR A 354 -4.93 0.33 33.32
N ARG A 355 -4.70 1.64 33.31
CA ARG A 355 -5.75 2.60 33.55
C ARG A 355 -6.31 3.19 32.27
N ILE A 356 -7.58 2.90 31.98
CA ILE A 356 -8.17 3.49 30.81
C ILE A 356 -8.88 4.76 31.25
N PRO A 357 -8.34 5.90 30.82
CA PRO A 357 -8.89 7.21 31.15
C PRO A 357 -10.34 7.30 30.83
N ALA A 358 -11.10 7.96 31.67
CA ALA A 358 -12.53 8.12 31.42
C ALA A 358 -12.75 8.85 30.10
N GLY A 359 -13.77 8.46 29.34
CA GLY A 359 -14.05 9.10 28.05
C GLY A 359 -12.99 8.82 26.99
N ALA A 360 -12.30 7.68 27.11
CA ALA A 360 -11.25 7.33 26.17
C ALA A 360 -11.76 6.57 24.98
N ASP A 361 -11.05 6.77 23.88
CA ASP A 361 -11.34 6.09 22.65
C ASP A 361 -10.46 4.90 22.60
N ILE A 362 -11.07 3.73 22.46
CA ILE A 362 -10.29 2.52 22.41
C ILE A 362 -10.56 1.73 21.14
N ILE A 363 -9.56 0.99 20.69
CA ILE A 363 -9.62 0.23 19.46
C ILE A 363 -9.01 -1.14 19.61
N TYR A 364 -9.47 -2.06 18.77
CA TYR A 364 -8.92 -3.41 18.75
C TYR A 364 -9.24 -4.09 17.43
N SER A 365 -8.42 -5.07 17.07
CA SER A 365 -8.56 -5.70 15.78
C SER A 365 -8.83 -7.21 15.81
N PRO A 366 -10.08 -7.62 15.52
CA PRO A 366 -10.39 -9.04 15.49
C PRO A 366 -9.51 -9.76 14.50
N TYR A 367 -9.04 -9.00 13.52
CA TYR A 367 -8.18 -9.55 12.51
C TYR A 367 -6.89 -10.07 13.12
N ALA A 368 -6.25 -9.23 13.93
CA ALA A 368 -4.97 -9.58 14.55
C ALA A 368 -5.15 -10.63 15.63
N ILE A 369 -6.24 -10.54 16.39
CA ILE A 369 -6.52 -11.51 17.43
C ILE A 369 -6.72 -12.91 16.87
N GLN A 370 -7.44 -13.01 15.75
CA GLN A 370 -7.70 -14.29 15.13
C GLN A 370 -6.49 -14.89 14.43
N ARG A 371 -5.45 -14.09 14.22
CA ARG A 371 -4.26 -14.57 13.52
C ARG A 371 -3.00 -14.45 14.40
N ASP A 372 -3.22 -14.36 15.71
CA ASP A 372 -2.16 -14.19 16.70
C ASP A 372 -1.54 -15.55 17.07
N PRO A 373 -0.21 -15.67 16.91
CA PRO A 373 0.51 -16.92 17.23
C PRO A 373 0.29 -17.44 18.67
N LYS A 374 0.20 -16.56 19.66
CA LYS A 374 0.03 -16.98 21.05
C LYS A 374 -1.34 -17.60 21.32
N SER A 375 -2.25 -17.47 20.36
CA SER A 375 -3.59 -18.02 20.49
C SER A 375 -3.80 -19.19 19.57
N TYR A 376 -3.10 -19.20 18.45
CA TYR A 376 -3.31 -20.26 17.47
C TYR A 376 -2.03 -20.99 17.10
N ASP A 377 -2.13 -22.31 17.11
CA ASP A 377 -1.03 -23.18 16.76
C ASP A 377 -0.52 -22.83 15.35
N ASP A 378 -1.12 -23.42 14.31
CA ASP A 378 -0.70 -23.11 12.95
C ASP A 378 -1.30 -21.79 12.49
N ASN A 379 -0.77 -20.77 13.14
CA ASN A 379 -1.09 -19.37 13.02
C ASN A 379 -1.71 -18.93 11.68
N LEU A 380 -1.09 -19.26 10.55
CA LEU A 380 -1.64 -18.79 9.28
C LEU A 380 -2.07 -19.94 8.37
N GLU A 381 -2.27 -21.12 8.93
CA GLU A 381 -2.60 -22.26 8.10
C GLU A 381 -4.10 -22.50 8.01
N PHE A 382 -4.64 -22.41 6.80
CA PHE A 382 -6.04 -22.69 6.64
C PHE A 382 -6.26 -24.10 7.09
N ASP A 383 -6.99 -24.27 8.18
CA ASP A 383 -7.24 -25.60 8.67
C ASP A 383 -8.61 -25.68 9.36
N PRO A 384 -9.69 -26.00 8.62
CA PRO A 384 -11.05 -26.09 9.17
C PRO A 384 -11.14 -27.04 10.37
N ASP A 385 -10.17 -27.93 10.49
CA ASP A 385 -10.21 -28.89 11.56
C ASP A 385 -9.55 -28.41 12.85
N ARG A 386 -9.13 -27.15 12.94
CA ARG A 386 -8.53 -26.67 14.19
C ARG A 386 -9.65 -26.39 15.17
N TRP A 387 -10.84 -26.39 14.60
CA TRP A 387 -12.04 -26.16 15.34
C TRP A 387 -12.61 -27.46 15.83
N LEU A 388 -11.75 -28.47 15.86
CA LEU A 388 -12.12 -29.78 16.37
C LEU A 388 -12.03 -29.74 17.91
N PRO A 389 -13.08 -30.21 18.61
CA PRO A 389 -13.18 -30.24 20.06
C PRO A 389 -11.84 -30.17 20.75
N GLU A 390 -11.00 -31.17 20.53
CA GLU A 390 -9.70 -31.23 21.20
C GLU A 390 -8.87 -29.98 20.99
N ARG A 391 -8.72 -29.56 19.73
CA ARG A 391 -7.92 -28.38 19.41
C ARG A 391 -8.67 -27.10 19.67
N ALA A 392 -9.99 -27.15 19.56
CA ALA A 392 -10.80 -25.95 19.80
C ALA A 392 -10.56 -25.40 21.22
N ALA A 393 -10.54 -26.30 22.18
CA ALA A 393 -10.33 -25.98 23.59
C ALA A 393 -8.93 -25.48 23.83
N ASN A 394 -8.07 -25.64 22.84
CA ASN A 394 -6.66 -25.21 22.94
C ASN A 394 -6.54 -23.70 22.75
N VAL A 395 -7.53 -23.15 22.06
CA VAL A 395 -7.58 -21.71 21.75
C VAL A 395 -8.36 -20.91 22.79
N PRO A 396 -7.83 -19.72 23.19
CA PRO A 396 -8.35 -18.74 24.16
C PRO A 396 -9.82 -18.40 23.95
N LYS A 397 -10.50 -18.14 25.06
CA LYS A 397 -11.92 -17.85 25.08
C LYS A 397 -12.42 -16.81 24.04
N TYR A 398 -11.94 -15.56 24.06
CA TYR A 398 -12.49 -14.59 23.11
C TYR A 398 -11.58 -14.34 21.93
N ALA A 399 -10.78 -15.34 21.56
CA ALA A 399 -9.84 -15.20 20.44
C ALA A 399 -10.54 -15.45 19.11
N MET A 400 -11.76 -15.95 19.16
CA MET A 400 -12.53 -16.16 17.94
C MET A 400 -13.97 -15.72 18.16
N LYS A 401 -14.17 -14.41 18.01
CA LYS A 401 -15.48 -13.84 18.18
C LYS A 401 -15.87 -12.93 17.02
N PRO A 402 -16.13 -13.51 15.84
CA PRO A 402 -16.52 -12.70 14.66
C PRO A 402 -17.60 -11.72 15.02
N PHE A 403 -18.53 -12.17 15.86
CA PHE A 403 -19.57 -11.30 16.40
C PHE A 403 -19.16 -11.06 17.89
N SER A 404 -19.54 -9.95 18.54
CA SER A 404 -19.06 -9.74 19.93
C SER A 404 -20.03 -10.29 21.02
N ALA A 405 -19.68 -10.22 22.32
CA ALA A 405 -20.54 -10.83 23.38
C ALA A 405 -21.62 -9.90 24.00
N GLY A 406 -21.21 -8.73 24.52
CA GLY A 406 -22.14 -7.78 25.15
C GLY A 406 -23.27 -7.37 24.21
N LYS A 407 -24.19 -6.49 24.62
CA LYS A 407 -25.29 -6.14 23.71
C LYS A 407 -24.78 -5.62 22.36
N ARG A 408 -23.77 -4.74 22.30
CA ARG A 408 -23.26 -4.40 20.96
C ARG A 408 -22.61 -5.67 20.39
N LYS A 409 -23.45 -6.60 19.95
CA LYS A 409 -23.08 -7.91 19.42
C LYS A 409 -23.72 -8.07 18.08
N CYS A 410 -23.60 -9.20 17.40
CA CYS A 410 -24.31 -9.24 16.14
C CYS A 410 -25.59 -10.04 16.24
N PRO A 411 -26.76 -9.39 16.11
CA PRO A 411 -28.08 -10.02 16.19
C PRO A 411 -28.26 -11.14 15.19
N SER A 412 -27.53 -11.05 14.09
CA SER A 412 -27.63 -12.03 13.00
C SER A 412 -26.57 -13.10 13.06
N ASP A 413 -26.04 -13.38 14.23
CA ASP A 413 -25.06 -14.44 14.31
C ASP A 413 -25.66 -15.78 13.83
N HIS A 414 -26.92 -16.04 14.21
CA HIS A 414 -27.61 -17.27 13.85
C HIS A 414 -28.06 -17.21 12.41
N PHE A 415 -28.63 -16.07 12.08
CA PHE A 415 -29.14 -15.79 10.74
C PHE A 415 -28.00 -15.77 9.72
N SER A 416 -26.80 -15.36 10.14
CA SER A 416 -25.66 -15.32 9.25
C SER A 416 -25.16 -16.70 8.96
N MET A 417 -24.68 -17.40 9.98
CA MET A 417 -24.16 -18.75 9.79
C MET A 417 -25.16 -19.65 9.05
N ALA A 418 -26.45 -19.43 9.29
CA ALA A 418 -27.49 -20.24 8.65
C ALA A 418 -27.53 -20.07 7.12
N GLN A 419 -27.42 -18.84 6.64
CA GLN A 419 -27.47 -18.65 5.19
C GLN A 419 -26.11 -18.94 4.55
N LEU A 420 -25.02 -18.65 5.27
CA LEU A 420 -23.69 -18.92 4.74
C LEU A 420 -23.48 -20.43 4.58
N THR A 421 -23.92 -21.18 5.58
CA THR A 421 -23.82 -22.64 5.56
C THR A 421 -24.59 -23.22 4.38
N LEU A 422 -25.82 -22.73 4.22
CA LEU A 422 -26.67 -23.18 3.13
C LEU A 422 -26.02 -22.86 1.78
N ILE A 423 -25.63 -21.62 1.57
CA ILE A 423 -25.04 -21.29 0.28
C ILE A 423 -23.75 -22.08 0.01
N THR A 424 -22.90 -22.25 1.02
CA THR A 424 -21.64 -22.97 0.83
C THR A 424 -21.85 -24.42 0.42
N ALA A 425 -22.70 -25.12 1.17
CA ALA A 425 -23.03 -26.53 0.93
C ALA A 425 -23.72 -26.72 -0.42
N ALA A 426 -24.61 -25.81 -0.76
CA ALA A 426 -25.32 -25.86 -2.02
C ALA A 426 -24.34 -25.73 -3.18
N LEU A 427 -23.35 -24.86 -3.01
CA LEU A 427 -22.35 -24.59 -4.04
C LEU A 427 -21.29 -25.68 -4.19
N ALA A 428 -20.71 -26.14 -3.07
CA ALA A 428 -19.65 -27.16 -3.09
C ALA A 428 -20.15 -28.54 -3.54
N THR A 429 -21.42 -28.80 -3.30
CA THR A 429 -22.01 -30.06 -3.68
C THR A 429 -22.16 -30.14 -5.18
N LYS A 430 -22.75 -29.11 -5.78
CA LYS A 430 -22.93 -29.10 -7.22
C LYS A 430 -21.62 -28.83 -7.96
N TYR A 431 -20.76 -27.98 -7.40
CA TYR A 431 -19.54 -27.64 -8.11
C TYR A 431 -18.25 -27.85 -7.32
N ARG A 432 -17.21 -27.56 -8.07
CA ARG A 432 -15.84 -27.55 -7.68
C ARG A 432 -15.41 -26.18 -8.09
N PHE A 433 -14.59 -25.51 -7.32
CA PHE A 433 -14.22 -24.16 -7.74
C PHE A 433 -12.75 -24.04 -8.04
N GLU A 434 -12.50 -23.11 -8.95
CA GLU A 434 -11.17 -22.89 -9.46
C GLU A 434 -10.99 -21.41 -9.71
N GLN A 435 -9.82 -20.90 -9.35
CA GLN A 435 -9.57 -19.49 -9.57
C GLN A 435 -9.09 -19.23 -10.99
N VAL A 436 -9.62 -18.17 -11.59
CA VAL A 436 -9.23 -17.80 -12.92
C VAL A 436 -7.89 -17.12 -12.88
N ALA A 437 -6.94 -17.55 -13.72
CA ALA A 437 -5.65 -16.85 -13.74
C ALA A 437 -5.94 -15.35 -13.90
N GLY A 438 -5.21 -14.48 -13.23
CA GLY A 438 -5.56 -13.08 -13.38
C GLY A 438 -6.48 -12.65 -12.26
N SER A 439 -6.95 -13.61 -11.47
CA SER A 439 -7.77 -13.30 -10.32
C SER A 439 -6.91 -12.59 -9.30
N ASN A 440 -7.42 -11.49 -8.74
CA ASN A 440 -6.68 -10.75 -7.73
C ASN A 440 -7.30 -11.00 -6.35
N ASP A 441 -6.89 -12.06 -5.67
CA ASP A 441 -7.49 -12.34 -4.37
C ASP A 441 -6.77 -11.62 -3.24
N ALA A 442 -6.01 -10.57 -3.59
CA ALA A 442 -5.29 -9.74 -2.61
C ALA A 442 -6.30 -8.98 -1.77
N VAL A 443 -6.03 -8.88 -0.47
CA VAL A 443 -6.97 -8.21 0.41
C VAL A 443 -6.99 -6.68 0.22
N ARG A 444 -8.20 -6.13 0.23
CA ARG A 444 -8.42 -4.70 0.10
C ARG A 444 -9.04 -4.21 1.39
N VAL A 445 -8.32 -3.39 2.14
CA VAL A 445 -8.86 -2.91 3.41
C VAL A 445 -9.71 -1.65 3.26
N GLY A 446 -11.00 -1.82 3.53
CA GLY A 446 -11.94 -0.72 3.47
C GLY A 446 -12.85 -0.79 4.67
N ILE A 447 -14.15 -0.64 4.47
CA ILE A 447 -15.10 -0.75 5.59
C ILE A 447 -14.94 -2.14 6.22
N THR A 448 -14.89 -3.11 5.32
CA THR A 448 -14.74 -4.51 5.64
C THR A 448 -13.53 -5.02 4.85
N LEU A 449 -13.02 -6.20 5.14
CA LEU A 449 -11.93 -6.67 4.32
C LEU A 449 -12.54 -7.48 3.19
N ARG A 450 -12.01 -7.29 2.00
CA ARG A 450 -12.50 -8.06 0.86
C ARG A 450 -11.42 -8.17 -0.21
N PRO A 451 -11.52 -9.19 -1.08
CA PRO A 451 -10.55 -9.38 -2.16
C PRO A 451 -10.70 -8.31 -3.27
N HIS A 452 -9.58 -7.73 -3.67
CA HIS A 452 -9.59 -6.73 -4.70
C HIS A 452 -10.39 -7.17 -5.94
N ASP A 453 -10.06 -8.34 -6.49
CA ASP A 453 -10.74 -8.79 -7.69
C ASP A 453 -10.66 -10.30 -7.91
N LEU A 454 -11.38 -11.03 -7.06
CA LEU A 454 -11.42 -12.48 -7.12
C LEU A 454 -12.31 -12.97 -8.28
N LEU A 455 -11.74 -13.83 -9.13
CA LEU A 455 -12.43 -14.40 -10.28
C LEU A 455 -12.40 -15.89 -10.16
N VAL A 456 -13.56 -16.49 -10.07
CA VAL A 456 -13.62 -17.94 -9.99
C VAL A 456 -14.58 -18.51 -11.05
N ARG A 457 -14.33 -19.76 -11.41
CA ARG A 457 -15.15 -20.46 -12.35
C ARG A 457 -15.63 -21.75 -11.76
N PRO A 458 -16.94 -22.00 -11.80
CA PRO A 458 -17.45 -23.24 -11.24
C PRO A 458 -17.10 -24.40 -12.16
N VAL A 459 -16.51 -25.48 -11.67
CA VAL A 459 -16.29 -26.60 -12.59
C VAL A 459 -17.27 -27.73 -12.24
N ALA A 460 -17.74 -28.48 -13.23
CA ALA A 460 -18.71 -29.55 -12.98
C ALA A 460 -18.16 -30.69 -12.12
N ARG A 461 -18.72 -30.83 -10.93
CA ARG A 461 -18.38 -31.91 -10.00
C ARG A 461 -19.41 -32.99 -10.19
N HIS A 462 -19.04 -34.14 -10.76
CA HIS A 462 -20.00 -35.20 -11.02
C HIS A 462 -21.14 -34.63 -11.90
N ARG B 22 -4.28 38.95 -4.86
CA ARG B 22 -3.69 38.01 -3.88
C ARG B 22 -4.74 37.07 -3.28
N GLU B 23 -4.66 35.79 -3.62
CA GLU B 23 -5.62 34.78 -3.14
C GLU B 23 -4.93 33.56 -2.51
N PRO B 24 -5.53 33.02 -1.43
CA PRO B 24 -4.91 31.84 -0.82
C PRO B 24 -5.25 30.57 -1.60
N PRO B 25 -4.33 29.60 -1.66
CA PRO B 25 -4.53 28.33 -2.38
C PRO B 25 -5.78 27.57 -1.93
N VAL B 26 -6.23 26.71 -2.83
CA VAL B 26 -7.41 25.88 -2.65
C VAL B 26 -7.08 24.55 -1.88
N ALA B 27 -7.97 24.10 -0.99
CA ALA B 27 -7.77 22.81 -0.27
C ALA B 27 -8.25 21.63 -1.16
N GLY B 28 -7.73 20.40 -0.96
CA GLY B 28 -8.09 19.26 -1.81
C GLY B 28 -9.27 18.37 -1.37
N GLY B 29 -9.02 17.41 -0.48
CA GLY B 29 -10.04 16.50 0.03
C GLY B 29 -9.45 15.40 0.87
N GLY B 30 -9.67 15.45 2.20
CA GLY B 30 -9.12 14.45 3.12
C GLY B 30 -10.04 14.03 4.27
N VAL B 31 -9.47 13.46 5.31
CA VAL B 31 -10.23 12.95 6.46
C VAL B 31 -9.92 13.70 7.79
N PRO B 32 -10.67 13.42 8.89
CA PRO B 32 -10.59 13.97 10.24
C PRO B 32 -9.16 14.34 10.74
N LEU B 33 -8.57 13.45 11.55
CA LEU B 33 -7.29 13.65 12.22
C LEU B 33 -6.12 13.88 11.30
N LEU B 34 -6.09 13.19 10.17
CA LEU B 34 -5.02 13.38 9.19
C LEU B 34 -5.62 13.33 7.79
N GLY B 35 -6.12 14.48 7.34
CA GLY B 35 -6.80 14.60 6.06
C GLY B 35 -6.11 13.90 4.92
N HIS B 36 -5.23 14.64 4.28
CA HIS B 36 -4.49 14.12 3.16
C HIS B 36 -3.43 13.13 3.57
N GLY B 37 -3.14 13.09 4.86
CA GLY B 37 -2.16 12.16 5.36
C GLY B 37 -2.52 10.74 4.94
N TRP B 38 -3.83 10.44 4.86
CA TRP B 38 -4.29 9.10 4.49
C TRP B 38 -4.19 8.78 2.99
N ARG B 39 -4.81 9.61 2.15
CA ARG B 39 -4.72 9.38 0.70
C ARG B 39 -3.26 9.34 0.28
N LEU B 40 -2.48 10.14 1.00
CA LEU B 40 -1.07 10.24 0.74
C LEU B 40 -0.35 8.91 0.99
N ALA B 41 -0.58 8.31 2.16
CA ALA B 41 0.09 7.05 2.55
C ALA B 41 -0.39 5.84 1.76
N ARG B 42 -1.62 5.88 1.26
CA ARG B 42 -2.13 4.75 0.50
C ARG B 42 -1.42 4.64 -0.85
N ASP B 43 -1.17 5.78 -1.49
CA ASP B 43 -0.52 5.82 -2.80
C ASP B 43 0.13 7.18 -3.05
N PRO B 44 1.30 7.46 -2.44
CA PRO B 44 2.05 8.71 -2.57
C PRO B 44 2.11 9.23 -4.00
N LEU B 45 2.60 8.38 -4.89
CA LEU B 45 2.75 8.76 -6.29
C LEU B 45 1.42 9.15 -6.95
N ALA B 46 0.34 8.44 -6.64
CA ALA B 46 -0.96 8.77 -7.22
C ALA B 46 -1.51 10.05 -6.65
N PHE B 47 -1.30 10.27 -5.36
CA PHE B 47 -1.77 11.47 -4.71
C PHE B 47 -1.13 12.70 -5.34
N MET B 48 0.18 12.65 -5.52
CA MET B 48 0.94 13.77 -6.09
C MET B 48 0.50 14.12 -7.53
N SER B 49 0.29 13.10 -8.36
CA SER B 49 -0.12 13.33 -9.73
C SER B 49 -1.53 13.90 -9.76
N GLN B 50 -2.31 13.61 -8.72
CA GLN B 50 -3.68 14.10 -8.66
C GLN B 50 -3.71 15.61 -8.40
N LEU B 51 -3.06 16.03 -7.31
CA LEU B 51 -2.93 17.44 -6.88
C LEU B 51 -2.88 18.40 -8.06
N ARG B 52 -2.13 17.98 -9.08
CA ARG B 52 -1.88 18.70 -10.33
C ARG B 52 -3.09 19.46 -10.89
N ASP B 53 -4.24 18.83 -10.93
CA ASP B 53 -5.39 19.51 -11.49
C ASP B 53 -6.07 20.42 -10.47
N HIS B 54 -6.05 20.05 -9.19
CA HIS B 54 -6.65 20.89 -8.15
C HIS B 54 -6.23 22.35 -8.28
N GLY B 55 -5.22 22.63 -9.11
CA GLY B 55 -4.75 23.99 -9.30
C GLY B 55 -3.24 24.12 -9.24
N ASP B 56 -2.74 25.24 -9.75
CA ASP B 56 -1.30 25.47 -9.76
C ASP B 56 -0.71 25.40 -8.36
N VAL B 57 -1.45 25.87 -7.37
CA VAL B 57 -1.04 25.70 -5.98
C VAL B 57 -2.27 25.42 -5.14
N VAL B 58 -2.16 24.40 -4.30
CA VAL B 58 -3.24 23.98 -3.45
C VAL B 58 -2.74 23.78 -2.04
N ARG B 59 -3.65 23.85 -1.09
CA ARG B 59 -3.26 23.64 0.28
C ARG B 59 -3.73 22.28 0.75
N ILE B 60 -2.86 21.53 1.40
CA ILE B 60 -3.24 20.22 1.89
C ILE B 60 -2.90 20.11 3.36
N LYS B 61 -3.70 19.33 4.06
CA LYS B 61 -3.50 19.16 5.48
C LYS B 61 -2.94 17.80 5.82
N LEU B 62 -1.74 17.85 6.38
CA LEU B 62 -1.09 16.66 6.87
C LEU B 62 -1.36 16.60 8.35
N GLY B 63 -2.49 16.03 8.71
CA GLY B 63 -2.81 16.01 10.11
C GLY B 63 -3.19 17.38 10.57
N PRO B 64 -2.54 17.94 11.59
CA PRO B 64 -2.93 19.27 12.02
C PRO B 64 -2.34 20.39 11.17
N LYS B 65 -1.11 20.23 10.69
CA LYS B 65 -0.47 21.31 9.93
C LYS B 65 -0.77 21.29 8.42
N THR B 66 -0.75 22.49 7.86
CA THR B 66 -1.03 22.70 6.46
C THR B 66 0.25 22.89 5.66
N VAL B 67 0.24 22.40 4.43
CA VAL B 67 1.38 22.57 3.58
C VAL B 67 0.88 23.01 2.22
N TYR B 68 1.71 23.73 1.48
CA TYR B 68 1.29 24.17 0.17
C TYR B 68 1.91 23.30 -0.90
N ALA B 69 1.11 22.97 -1.90
CA ALA B 69 1.59 22.14 -2.99
C ALA B 69 1.66 22.91 -4.30
N VAL B 70 2.86 23.07 -4.84
CA VAL B 70 3.06 23.73 -6.14
C VAL B 70 3.19 22.66 -7.25
N THR B 71 2.15 22.55 -8.10
CA THR B 71 2.05 21.53 -9.15
C THR B 71 2.33 22.01 -10.56
N ASN B 72 2.79 23.23 -10.74
CA ASN B 72 3.04 23.75 -12.08
C ASN B 72 4.56 23.96 -12.34
N PRO B 73 5.06 23.49 -13.49
CA PRO B 73 6.46 23.60 -13.88
C PRO B 73 7.02 25.04 -13.78
N GLU B 74 6.18 26.05 -13.99
CA GLU B 74 6.58 27.48 -13.94
C GLU B 74 6.78 27.97 -12.51
N LEU B 75 5.85 27.56 -11.64
CA LEU B 75 5.89 27.93 -10.24
C LEU B 75 6.90 27.06 -9.48
N THR B 76 7.21 25.86 -9.98
CA THR B 76 8.18 25.02 -9.28
C THR B 76 9.60 25.49 -9.57
N GLY B 77 9.77 26.14 -10.71
CA GLY B 77 11.07 26.69 -11.06
C GLY B 77 11.30 27.94 -10.27
N ALA B 78 10.23 28.71 -10.12
CA ALA B 78 10.27 29.94 -9.35
C ALA B 78 10.52 29.59 -7.89
N LEU B 79 10.05 28.43 -7.53
CA LEU B 79 10.16 27.89 -6.20
C LEU B 79 11.59 27.50 -5.87
N ALA B 80 12.35 27.06 -6.87
CA ALA B 80 13.73 26.61 -6.66
C ALA B 80 14.73 27.73 -6.90
N LEU B 81 14.36 28.69 -7.73
CA LEU B 81 15.27 29.78 -8.05
C LEU B 81 15.15 30.95 -7.10
N ASN B 82 14.08 30.97 -6.31
CA ASN B 82 13.93 32.04 -5.33
C ASN B 82 14.65 31.67 -4.04
N PRO B 83 15.62 32.49 -3.63
CA PRO B 83 16.36 32.19 -2.41
C PRO B 83 15.51 32.36 -1.13
N ASP B 84 14.30 32.87 -1.28
CA ASP B 84 13.45 33.05 -0.11
C ASP B 84 12.86 31.73 0.40
N TYR B 85 13.49 30.63 -0.02
CA TYR B 85 13.06 29.30 0.37
C TYR B 85 14.28 28.43 0.71
N ARG B 116 28.07 26.96 1.26
CA ARG B 116 29.43 26.44 1.32
C ARG B 116 30.03 26.20 -0.07
N ARG B 117 30.69 27.22 -0.62
CA ARG B 117 31.30 27.10 -1.94
C ARG B 117 32.44 26.11 -1.86
N THR B 118 32.74 25.67 -0.65
CA THR B 118 33.80 24.70 -0.39
C THR B 118 33.67 23.51 -1.33
N ILE B 119 32.43 23.06 -1.46
CA ILE B 119 32.05 21.91 -2.24
C ILE B 119 32.09 22.15 -3.76
N GLN B 120 31.92 23.39 -4.20
CA GLN B 120 31.91 23.69 -5.63
C GLN B 120 33.16 23.22 -6.39
N PRO B 121 34.38 23.47 -5.86
CA PRO B 121 35.60 23.07 -6.58
C PRO B 121 35.76 21.55 -6.74
N ALA B 122 34.99 20.74 -6.03
CA ALA B 122 35.14 19.29 -6.16
C ALA B 122 34.16 18.71 -7.16
N PHE B 123 33.07 19.44 -7.41
CA PHE B 123 32.05 18.96 -8.33
C PHE B 123 31.93 19.78 -9.65
N ARG B 124 32.76 20.80 -9.85
CA ARG B 124 32.68 21.59 -11.09
C ARG B 124 33.03 20.72 -12.29
N LEU B 125 32.80 21.20 -13.51
CA LEU B 125 33.09 20.39 -14.70
C LEU B 125 34.57 20.10 -14.85
N ASP B 126 35.38 20.90 -14.15
CA ASP B 126 36.83 20.81 -14.22
C ASP B 126 37.41 19.76 -13.27
N ALA B 127 36.65 19.34 -12.26
CA ALA B 127 37.17 18.37 -11.31
C ALA B 127 36.70 16.95 -11.64
N ILE B 128 35.82 16.84 -12.64
CA ILE B 128 35.30 15.54 -13.02
C ILE B 128 36.19 14.81 -14.06
N PRO B 129 36.90 15.56 -14.94
CA PRO B 129 37.74 14.80 -15.90
C PRO B 129 38.86 14.05 -15.17
N ALA B 130 39.13 14.44 -13.94
CA ALA B 130 40.18 13.86 -13.11
C ALA B 130 39.69 12.65 -12.36
N TYR B 131 38.38 12.55 -12.20
CA TYR B 131 37.79 11.41 -11.53
C TYR B 131 37.57 10.30 -12.56
N GLY B 132 37.55 10.72 -13.82
CA GLY B 132 37.32 9.82 -14.95
C GLY B 132 37.94 8.44 -14.84
N PRO B 133 39.26 8.33 -14.58
CA PRO B 133 39.86 7.01 -14.48
C PRO B 133 39.15 6.10 -13.50
N ILE B 134 38.88 6.56 -12.28
CA ILE B 134 38.20 5.69 -11.32
C ILE B 134 36.79 5.32 -11.83
N MET B 135 36.13 6.24 -12.55
CA MET B 135 34.80 5.98 -13.11
C MET B 135 34.89 4.85 -14.14
N GLU B 136 35.76 5.01 -15.13
CA GLU B 136 35.98 3.98 -16.17
C GLU B 136 36.29 2.64 -15.51
N GLU B 137 37.20 2.69 -14.54
CA GLU B 137 37.67 1.53 -13.77
C GLU B 137 36.51 0.77 -13.12
N GLU B 138 35.69 1.49 -12.36
CA GLU B 138 34.56 0.88 -11.65
C GLU B 138 33.52 0.32 -12.60
N ALA B 139 33.32 1.04 -13.71
CA ALA B 139 32.34 0.62 -14.70
C ALA B 139 32.75 -0.71 -15.33
N HIS B 140 33.88 -0.72 -16.01
CA HIS B 140 34.36 -1.93 -16.69
C HIS B 140 34.53 -3.10 -15.75
N ALA B 141 34.73 -2.81 -14.46
CA ALA B 141 34.89 -3.85 -13.47
C ALA B 141 33.56 -4.55 -13.19
N LEU B 142 32.48 -3.85 -13.53
CA LEU B 142 31.12 -4.39 -13.34
C LEU B 142 30.83 -5.33 -14.47
N THR B 143 31.43 -5.00 -15.58
CA THR B 143 31.31 -5.74 -16.81
C THR B 143 31.89 -7.16 -16.69
N GLU B 144 32.89 -7.33 -15.83
CA GLU B 144 33.48 -8.63 -15.60
C GLU B 144 32.73 -9.31 -14.48
N ARG B 145 32.53 -8.54 -13.41
CA ARG B 145 31.82 -8.97 -12.20
C ARG B 145 30.50 -9.65 -12.54
N TRP B 146 29.78 -9.09 -13.49
CA TRP B 146 28.53 -9.69 -13.96
C TRP B 146 28.86 -10.55 -15.16
N GLN B 147 28.26 -11.73 -15.23
CA GLN B 147 28.52 -12.64 -16.33
C GLN B 147 27.22 -13.13 -16.92
N PRO B 148 27.22 -13.50 -18.20
CA PRO B 148 25.98 -13.97 -18.82
C PRO B 148 25.38 -15.16 -18.05
N GLY B 149 24.06 -15.24 -18.01
CA GLY B 149 23.46 -16.35 -17.32
C GLY B 149 23.19 -16.13 -15.87
N LYS B 150 24.04 -15.42 -15.13
CA LYS B 150 23.78 -15.19 -13.70
C LYS B 150 22.89 -13.95 -13.47
N THR B 151 21.83 -14.08 -12.66
CA THR B 151 21.01 -12.90 -12.43
C THR B 151 21.72 -11.94 -11.50
N VAL B 152 21.52 -10.67 -11.81
CA VAL B 152 22.10 -9.60 -11.05
C VAL B 152 21.09 -9.12 -10.03
N ASP B 153 21.50 -8.96 -8.78
CA ASP B 153 20.59 -8.41 -7.78
C ASP B 153 20.76 -6.89 -7.80
N ALA B 154 19.88 -6.25 -8.56
CA ALA B 154 19.92 -4.83 -8.76
C ALA B 154 20.06 -4.05 -7.47
N THR B 155 19.17 -4.23 -6.50
CA THR B 155 19.27 -3.48 -5.25
C THR B 155 20.65 -3.58 -4.60
N SER B 156 21.13 -4.81 -4.50
CA SER B 156 22.41 -5.09 -3.88
C SER B 156 23.58 -4.57 -4.72
N GLU B 157 23.57 -4.92 -6.00
CA GLU B 157 24.64 -4.55 -6.90
C GLU B 157 24.65 -3.07 -7.30
N SER B 158 23.49 -2.41 -7.40
CA SER B 158 23.48 -0.98 -7.77
C SER B 158 23.98 -0.13 -6.60
N PHE B 159 23.58 -0.52 -5.39
CA PHE B 159 23.98 0.21 -4.19
C PHE B 159 25.48 0.17 -4.01
N ARG B 160 26.09 -0.94 -4.40
CA ARG B 160 27.53 -1.08 -4.24
C ARG B 160 28.31 -0.20 -5.21
N VAL B 161 27.98 -0.28 -6.50
CA VAL B 161 28.64 0.54 -7.52
C VAL B 161 28.55 1.99 -7.15
N ALA B 162 27.42 2.35 -6.54
CA ALA B 162 27.16 3.72 -6.11
C ALA B 162 28.15 4.16 -5.04
N VAL B 163 28.29 3.36 -4.00
CA VAL B 163 29.19 3.72 -2.92
C VAL B 163 30.62 3.84 -3.40
N ARG B 164 31.07 2.86 -4.19
CA ARG B 164 32.44 2.80 -4.71
C ARG B 164 32.79 3.95 -5.66
N VAL B 165 31.88 4.34 -6.53
CA VAL B 165 32.20 5.47 -7.39
C VAL B 165 32.33 6.74 -6.56
N ALA B 166 31.33 6.99 -5.73
CA ALA B 166 31.30 8.17 -4.88
C ALA B 166 32.53 8.27 -3.98
N ALA B 167 32.73 7.22 -3.19
CA ALA B 167 33.82 7.19 -2.25
C ALA B 167 35.17 7.21 -2.92
N ARG B 168 35.36 6.48 -4.00
CA ARG B 168 36.68 6.46 -4.59
C ARG B 168 37.03 7.74 -5.35
N CYS B 169 36.06 8.47 -5.86
CA CYS B 169 36.42 9.69 -6.57
C CYS B 169 36.55 10.87 -5.61
N LEU B 170 35.59 10.94 -4.71
CA LEU B 170 35.54 12.01 -3.73
C LEU B 170 36.54 11.80 -2.58
N LEU B 171 37.12 10.61 -2.50
CA LEU B 171 38.11 10.26 -1.48
C LEU B 171 39.11 9.25 -2.08
N ARG B 172 40.42 9.43 -1.92
CA ARG B 172 41.33 8.47 -2.55
C ARG B 172 42.37 7.89 -1.57
N GLY B 173 42.63 6.57 -1.67
CA GLY B 173 43.64 5.99 -0.80
C GLY B 173 43.29 4.66 -0.15
N GLN B 174 43.10 4.68 1.17
CA GLN B 174 42.76 3.49 1.94
C GLN B 174 41.29 3.16 1.73
N TYR B 175 41.11 2.01 1.11
CA TYR B 175 39.83 1.55 0.65
C TYR B 175 38.80 1.15 1.65
N MET B 176 37.67 1.78 1.35
CA MET B 176 36.38 1.72 2.02
C MET B 176 35.52 0.70 1.27
N ASP B 177 36.24 -0.11 0.51
CA ASP B 177 35.71 -1.15 -0.35
C ASP B 177 34.36 -1.69 0.10
N GLU B 178 34.36 -2.90 0.60
CA GLU B 178 33.11 -3.51 0.98
C GLU B 178 32.62 -3.05 2.32
N ARG B 179 33.53 -2.58 3.17
CA ARG B 179 33.04 -2.18 4.47
C ARG B 179 32.03 -1.05 4.34
N ALA B 180 32.37 0.04 3.65
CA ALA B 180 31.44 1.14 3.48
C ALA B 180 30.11 0.66 2.92
N GLU B 181 30.17 -0.14 1.86
CA GLU B 181 28.98 -0.67 1.19
C GLU B 181 28.01 -1.30 2.15
N ARG B 182 28.50 -2.27 2.93
CA ARG B 182 27.70 -3.04 3.90
C ARG B 182 27.02 -2.16 4.95
N LEU B 183 27.78 -1.26 5.57
CA LEU B 183 27.21 -0.38 6.55
C LEU B 183 26.07 0.39 5.93
N CYS B 184 26.40 1.02 4.81
CA CYS B 184 25.45 1.82 4.05
C CYS B 184 24.24 0.99 3.60
N VAL B 185 24.44 -0.31 3.45
CA VAL B 185 23.37 -1.22 3.04
C VAL B 185 22.40 -1.43 4.20
N ALA B 186 22.93 -1.93 5.31
CA ALA B 186 22.15 -2.23 6.50
C ALA B 186 21.33 -1.01 6.91
N LEU B 187 21.85 0.17 6.60
CA LEU B 187 21.20 1.41 6.96
C LEU B 187 20.02 1.75 6.07
N ALA B 188 20.24 1.68 4.76
CA ALA B 188 19.21 2.00 3.79
C ALA B 188 17.96 1.15 3.98
N THR B 189 18.15 -0.09 4.43
CA THR B 189 17.03 -1.02 4.64
C THR B 189 16.29 -0.70 5.92
N VAL B 190 16.99 -0.11 6.88
CA VAL B 190 16.39 0.29 8.15
C VAL B 190 15.29 1.33 7.89
N PHE B 191 15.57 2.17 6.90
CA PHE B 191 14.69 3.26 6.52
C PHE B 191 13.39 2.77 5.89
N ARG B 192 13.49 1.97 4.83
CA ARG B 192 12.28 1.49 4.14
C ARG B 192 11.17 0.99 5.08
N GLY B 193 11.42 -0.11 5.80
CA GLY B 193 10.40 -0.63 6.67
C GLY B 193 10.97 -1.31 7.89
N ASP B 218 24.81 -1.95 14.50
CA ASP B 218 26.25 -2.15 14.33
C ASP B 218 26.74 -1.67 12.96
N ALA B 219 25.94 -0.88 12.25
CA ALA B 219 26.36 -0.40 10.96
C ALA B 219 26.73 1.07 11.03
N LEU B 220 25.86 1.81 11.72
CA LEU B 220 26.07 3.23 11.92
C LEU B 220 27.42 3.50 12.56
N ALA B 221 27.72 2.76 13.62
CA ALA B 221 28.98 2.90 14.32
C ALA B 221 30.13 2.78 13.37
N ASP B 222 30.08 1.72 12.58
CA ASP B 222 31.12 1.43 11.62
C ASP B 222 31.25 2.52 10.62
N LEU B 223 30.12 3.06 10.22
CA LEU B 223 30.13 4.14 9.26
C LEU B 223 30.83 5.35 9.84
N HIS B 224 30.58 5.65 11.11
CA HIS B 224 31.20 6.81 11.77
C HIS B 224 32.65 6.52 12.03
N LEU B 225 32.86 5.27 12.43
CA LEU B 225 34.17 4.71 12.72
C LEU B 225 35.06 4.85 11.49
N LEU B 226 34.54 4.35 10.38
CA LEU B 226 35.25 4.37 9.12
C LEU B 226 35.41 5.80 8.57
N VAL B 227 34.37 6.63 8.66
CA VAL B 227 34.48 8.02 8.18
C VAL B 227 35.62 8.79 8.92
N ASP B 228 35.74 8.55 10.21
CA ASP B 228 36.78 9.20 10.98
C ASP B 228 38.10 8.65 10.58
N GLU B 229 38.23 7.35 10.74
CA GLU B 229 39.47 6.64 10.42
C GLU B 229 39.99 7.00 9.02
N ILE B 230 39.08 7.17 8.07
CA ILE B 230 39.49 7.55 6.73
C ILE B 230 40.01 8.99 6.69
N ILE B 231 39.36 9.89 7.41
CA ILE B 231 39.83 11.27 7.40
C ILE B 231 41.24 11.34 7.97
N ALA B 232 41.46 10.59 9.04
CA ALA B 232 42.75 10.60 9.72
C ALA B 232 43.89 10.15 8.81
N GLU B 233 43.57 9.38 7.78
CA GLU B 233 44.60 8.90 6.88
C GLU B 233 44.97 9.89 5.77
N ARG B 234 44.05 10.72 5.29
CA ARG B 234 44.46 11.68 4.26
C ARG B 234 45.29 12.79 4.89
N ARG B 235 45.22 12.89 6.21
CA ARG B 235 45.98 13.88 6.92
C ARG B 235 47.49 13.67 6.67
N ALA B 236 47.91 12.42 6.46
CA ALA B 236 49.31 12.12 6.14
C ALA B 236 49.71 12.95 4.91
N SER B 237 49.43 12.46 3.70
CA SER B 237 49.72 13.23 2.51
C SER B 237 48.49 13.27 1.59
N GLY B 238 47.86 14.44 1.48
CA GLY B 238 46.70 14.60 0.62
C GLY B 238 46.90 15.78 -0.32
N GLN B 239 48.11 15.81 -0.88
CA GLN B 239 48.59 16.87 -1.77
C GLN B 239 47.61 17.31 -2.86
N LYS B 240 47.55 16.55 -3.94
CA LYS B 240 46.69 16.89 -5.07
C LYS B 240 45.23 16.47 -4.89
N PRO B 241 44.88 15.64 -3.87
CA PRO B 241 43.49 15.25 -3.68
C PRO B 241 42.49 16.40 -3.86
N ASP B 242 42.05 16.63 -5.09
CA ASP B 242 41.08 17.68 -5.36
C ASP B 242 39.69 17.19 -4.93
N ASP B 243 39.64 15.96 -4.48
CA ASP B 243 38.41 15.36 -4.03
C ASP B 243 37.74 16.25 -3.00
N LEU B 244 36.52 15.89 -2.63
CA LEU B 244 35.87 16.70 -1.64
C LEU B 244 36.66 16.68 -0.34
N LEU B 245 37.09 15.51 0.14
CA LEU B 245 37.78 15.43 1.45
C LEU B 245 38.87 16.49 1.61
N THR B 246 39.69 16.70 0.59
CA THR B 246 40.73 17.72 0.71
C THR B 246 40.13 19.11 0.53
N ALA B 247 39.07 19.21 -0.26
CA ALA B 247 38.39 20.47 -0.44
C ALA B 247 37.72 20.87 0.88
N LEU B 248 37.32 19.84 1.63
CA LEU B 248 36.65 19.96 2.94
C LEU B 248 37.65 20.23 4.08
N LEU B 249 38.91 19.87 3.85
CA LEU B 249 39.93 20.05 4.87
C LEU B 249 40.60 21.43 4.77
N GLU B 250 40.24 22.22 3.78
CA GLU B 250 40.87 23.51 3.66
C GLU B 250 39.89 24.68 3.77
N ALA B 251 38.73 24.44 4.41
CA ALA B 251 37.70 25.46 4.56
C ALA B 251 37.68 26.01 5.98
N GLY B 260 36.41 23.44 11.60
CA GLY B 260 35.60 22.54 12.38
C GLY B 260 36.14 21.13 12.36
N GLU B 261 36.16 20.46 13.50
CA GLU B 261 36.72 19.11 13.60
C GLU B 261 35.72 18.06 13.19
N GLN B 262 34.56 18.09 13.81
CA GLN B 262 33.55 17.10 13.50
C GLN B 262 32.66 17.60 12.38
N GLU B 263 32.80 18.87 12.03
CA GLU B 263 31.99 19.39 10.94
C GLU B 263 32.30 18.65 9.63
N ILE B 264 33.57 18.32 9.43
CA ILE B 264 34.01 17.60 8.23
C ILE B 264 33.45 16.19 8.20
N HIS B 265 33.65 15.47 9.31
CA HIS B 265 33.14 14.12 9.44
C HIS B 265 31.64 14.11 9.11
N ASP B 266 30.93 15.14 9.51
CA ASP B 266 29.51 15.22 9.26
C ASP B 266 29.22 15.67 7.82
N GLN B 267 29.95 16.67 7.31
CA GLN B 267 29.68 17.10 5.94
C GLN B 267 30.07 16.04 4.95
N VAL B 268 30.86 15.06 5.39
CA VAL B 268 31.24 13.96 4.51
C VAL B 268 30.16 12.90 4.58
N VAL B 269 29.81 12.51 5.80
CA VAL B 269 28.78 11.52 6.03
C VAL B 269 27.45 11.97 5.47
N ALA B 270 27.26 13.27 5.42
CA ALA B 270 26.03 13.86 4.93
C ALA B 270 25.97 13.97 3.40
N ILE B 271 27.12 14.01 2.73
CA ILE B 271 27.10 14.14 1.29
C ILE B 271 27.09 12.78 0.61
N LEU B 272 27.91 11.88 1.11
CA LEU B 272 28.06 10.56 0.55
C LEU B 272 26.82 9.68 0.76
N THR B 273 26.15 9.84 1.89
CA THR B 273 25.00 8.99 2.18
C THR B 273 23.87 9.13 1.13
N PRO B 274 23.21 10.31 1.01
CA PRO B 274 22.13 10.48 0.03
C PRO B 274 22.59 10.17 -1.38
N GLY B 275 23.66 10.85 -1.79
CA GLY B 275 24.22 10.67 -3.11
C GLY B 275 24.38 9.22 -3.54
N SER B 276 24.75 8.34 -2.62
CA SER B 276 24.88 6.94 -2.98
C SER B 276 23.55 6.28 -3.21
N GLU B 277 22.65 6.40 -2.26
CA GLU B 277 21.36 5.77 -2.45
C GLU B 277 20.66 6.33 -3.69
N THR B 278 20.90 7.61 -3.95
CA THR B 278 20.29 8.34 -5.07
C THR B 278 20.77 7.81 -6.44
N ILE B 279 22.09 7.71 -6.61
CA ILE B 279 22.68 7.22 -7.85
C ILE B 279 22.36 5.75 -8.02
N ALA B 280 22.31 5.02 -6.89
CA ALA B 280 21.99 3.60 -6.87
C ALA B 280 20.59 3.35 -7.41
N SER B 281 19.60 4.06 -6.84
CA SER B 281 18.23 3.94 -7.29
C SER B 281 18.13 4.25 -8.77
N THR B 282 18.94 5.20 -9.20
CA THR B 282 18.93 5.60 -10.60
C THR B 282 19.48 4.49 -11.47
N ILE B 283 20.50 3.80 -10.95
CA ILE B 283 21.09 2.71 -11.70
C ILE B 283 20.10 1.58 -11.83
N MET B 284 19.34 1.29 -10.77
CA MET B 284 18.39 0.20 -10.90
C MET B 284 17.40 0.47 -12.05
N TRP B 285 16.87 1.70 -12.15
CA TRP B 285 15.95 2.03 -13.24
C TRP B 285 16.60 1.99 -14.61
N LEU B 286 17.92 2.19 -14.65
CA LEU B 286 18.67 2.14 -15.89
C LEU B 286 18.79 0.69 -16.33
N LEU B 287 19.01 -0.21 -15.38
CA LEU B 287 19.08 -1.65 -15.69
C LEU B 287 17.70 -2.12 -16.20
N GLN B 288 16.67 -1.54 -15.61
CA GLN B 288 15.32 -1.87 -16.02
C GLN B 288 15.08 -1.39 -17.42
N ALA B 289 15.55 -0.20 -17.75
CA ALA B 289 15.36 0.34 -19.09
C ALA B 289 16.06 -0.53 -20.16
N LEU B 290 17.30 -0.96 -19.88
CA LEU B 290 18.12 -1.78 -20.80
C LEU B 290 17.53 -3.17 -21.04
N ALA B 291 16.74 -3.68 -20.10
CA ALA B 291 16.13 -4.97 -20.29
C ALA B 291 14.77 -4.81 -20.95
N ASP B 292 14.06 -3.70 -20.65
CA ASP B 292 12.72 -3.49 -21.22
C ASP B 292 12.77 -2.92 -22.62
N HIS B 293 13.89 -2.29 -22.97
CA HIS B 293 13.98 -1.70 -24.30
C HIS B 293 15.30 -2.06 -24.96
N PRO B 294 15.39 -3.28 -25.52
CA PRO B 294 16.60 -3.79 -26.18
C PRO B 294 16.99 -2.91 -27.36
N GLU B 295 16.00 -2.28 -27.97
CA GLU B 295 16.23 -1.40 -29.11
C GLU B 295 17.23 -0.29 -28.76
N HIS B 296 17.05 0.36 -27.62
CA HIS B 296 17.98 1.41 -27.26
C HIS B 296 19.22 0.84 -26.69
N ALA B 297 19.07 -0.27 -25.96
CA ALA B 297 20.23 -0.92 -25.39
C ALA B 297 21.26 -1.12 -26.49
N ASP B 298 20.83 -1.68 -27.62
CA ASP B 298 21.74 -1.94 -28.73
C ASP B 298 22.11 -0.66 -29.45
N ARG B 299 21.13 0.23 -29.66
CA ARG B 299 21.40 1.52 -30.30
C ARG B 299 22.55 2.21 -29.57
N ILE B 300 22.58 1.98 -28.26
CA ILE B 300 23.61 2.54 -27.42
C ILE B 300 24.92 1.84 -27.71
N ARG B 301 24.86 0.52 -27.93
CA ARG B 301 26.07 -0.23 -28.23
C ARG B 301 26.65 0.22 -29.56
N ASP B 302 25.79 0.57 -30.50
CA ASP B 302 26.21 1.03 -31.81
C ASP B 302 26.92 2.38 -31.71
N GLU B 303 26.30 3.28 -30.96
CA GLU B 303 26.84 4.61 -30.74
C GLU B 303 28.20 4.54 -30.02
N VAL B 304 28.36 3.58 -29.11
CA VAL B 304 29.60 3.42 -28.33
C VAL B 304 30.71 2.83 -29.19
N GLU B 305 30.39 1.77 -29.91
CA GLU B 305 31.37 1.13 -30.76
C GLU B 305 31.88 2.10 -31.82
N ALA B 306 31.01 2.95 -32.37
CA ALA B 306 31.44 3.92 -33.36
C ALA B 306 32.51 4.81 -32.78
N VAL B 307 32.15 5.48 -31.71
CA VAL B 307 33.02 6.42 -31.01
C VAL B 307 34.25 5.74 -30.39
N THR B 308 34.04 4.64 -29.69
CA THR B 308 35.12 3.97 -28.99
C THR B 308 35.96 3.03 -29.85
N GLY B 309 35.42 2.64 -31.01
CA GLY B 309 36.14 1.68 -31.83
C GLY B 309 36.04 0.33 -31.17
N GLY B 310 36.83 0.13 -30.12
CA GLY B 310 36.80 -1.12 -29.38
C GLY B 310 37.29 -0.91 -27.96
N ARG B 311 38.12 0.11 -27.80
CA ARG B 311 38.67 0.43 -26.48
C ARG B 311 37.55 0.63 -25.46
N PRO B 312 37.76 0.14 -24.24
CA PRO B 312 36.71 0.32 -23.23
C PRO B 312 36.34 1.81 -23.07
N VAL B 313 35.04 2.13 -23.09
CA VAL B 313 34.58 3.52 -23.00
C VAL B 313 35.37 4.33 -21.95
N ALA B 314 35.57 5.63 -22.22
CA ALA B 314 36.28 6.53 -21.30
C ALA B 314 35.57 7.87 -21.16
N PHE B 315 35.96 8.66 -20.16
CA PHE B 315 35.35 9.97 -19.91
C PHE B 315 35.14 10.74 -21.21
N GLU B 316 36.21 10.90 -21.98
CA GLU B 316 36.17 11.65 -23.24
C GLU B 316 35.09 11.14 -24.16
N ASP B 317 34.85 9.85 -24.10
CA ASP B 317 33.85 9.27 -24.95
C ASP B 317 32.46 9.72 -24.51
N VAL B 318 32.21 9.73 -23.21
CA VAL B 318 30.88 10.07 -22.67
C VAL B 318 30.35 11.39 -23.21
N ARG B 319 31.23 12.33 -23.47
CA ARG B 319 30.79 13.62 -23.98
C ARG B 319 30.32 13.54 -25.45
N LYS B 320 30.37 12.35 -26.04
CA LYS B 320 29.96 12.14 -27.43
C LYS B 320 28.77 11.20 -27.55
N LEU B 321 28.62 10.29 -26.59
CA LEU B 321 27.51 9.34 -26.58
C LEU B 321 26.21 10.04 -26.26
N ARG B 322 25.61 10.67 -27.26
CA ARG B 322 24.36 11.40 -27.08
C ARG B 322 23.21 10.49 -26.74
N HIS B 323 22.97 9.48 -27.59
CA HIS B 323 21.84 8.57 -27.38
C HIS B 323 21.89 7.96 -26.00
N THR B 324 23.06 7.50 -25.59
CA THR B 324 23.20 6.94 -24.26
C THR B 324 22.66 7.92 -23.21
N GLY B 325 22.98 9.19 -23.40
CA GLY B 325 22.56 10.21 -22.47
C GLY B 325 21.05 10.42 -22.46
N ASN B 326 20.42 10.25 -23.62
CA ASN B 326 18.97 10.44 -23.78
C ASN B 326 18.18 9.37 -23.07
N VAL B 327 18.68 8.14 -23.15
CA VAL B 327 18.07 7.01 -22.48
C VAL B 327 18.01 7.31 -21.00
N ILE B 328 19.17 7.73 -20.45
CA ILE B 328 19.31 8.06 -19.04
C ILE B 328 18.35 9.17 -18.59
N VAL B 329 18.25 10.22 -19.38
CA VAL B 329 17.33 11.28 -19.02
C VAL B 329 15.89 10.76 -19.05
N GLU B 330 15.55 10.04 -20.11
CA GLU B 330 14.20 9.52 -20.25
C GLU B 330 13.89 8.54 -19.14
N ALA B 331 14.87 7.77 -18.70
CA ALA B 331 14.66 6.84 -17.59
C ALA B 331 14.48 7.61 -16.30
N MET B 332 15.24 8.69 -16.14
CA MET B 332 15.17 9.55 -14.94
C MET B 332 13.84 10.35 -14.89
N ARG B 333 13.35 10.76 -16.05
CA ARG B 333 12.12 11.50 -16.10
C ARG B 333 10.94 10.68 -15.57
N LEU B 334 10.78 9.45 -16.07
CA LEU B 334 9.67 8.60 -15.67
C LEU B 334 9.80 8.01 -14.26
N ARG B 335 11.03 7.78 -13.80
CA ARG B 335 11.30 7.19 -12.50
C ARG B 335 12.42 7.92 -11.80
N PRO B 336 12.18 9.13 -11.29
CA PRO B 336 13.29 9.81 -10.62
C PRO B 336 13.48 9.33 -9.20
N ALA B 337 14.74 9.20 -8.76
CA ALA B 337 15.00 8.75 -7.41
C ALA B 337 14.35 9.74 -6.46
N VAL B 338 14.64 11.03 -6.64
CA VAL B 338 13.98 12.03 -5.78
C VAL B 338 12.64 12.46 -6.42
N TRP B 339 11.54 12.01 -5.81
CA TRP B 339 10.20 12.26 -6.34
C TRP B 339 9.49 13.42 -5.66
N VAL B 340 9.93 13.84 -4.48
CA VAL B 340 9.37 14.97 -3.74
C VAL B 340 10.47 15.91 -3.30
N LEU B 341 10.12 17.17 -3.09
CA LEU B 341 11.06 18.19 -2.60
C LEU B 341 10.29 19.18 -1.73
N THR B 342 10.93 19.71 -0.69
CA THR B 342 10.26 20.62 0.23
C THR B 342 10.99 21.94 0.33
N ARG B 343 10.23 22.97 0.69
CA ARG B 343 10.77 24.31 0.87
C ARG B 343 10.04 25.00 1.99
N ARG B 344 10.68 25.97 2.64
CA ARG B 344 10.01 26.74 3.66
C ARG B 344 10.13 28.20 3.32
N ALA B 345 8.99 28.88 3.32
CA ALA B 345 8.96 30.31 3.00
C ALA B 345 9.50 31.14 4.16
N VAL B 346 10.46 32.03 3.90
CA VAL B 346 11.02 32.89 4.95
C VAL B 346 10.19 34.16 5.08
N ALA B 347 9.95 34.81 3.96
CA ALA B 347 9.13 36.02 3.93
C ALA B 347 7.78 35.73 3.27
N GLU B 348 6.73 36.46 3.62
CA GLU B 348 5.46 36.22 2.96
C GLU B 348 5.69 36.33 1.47
N SER B 349 5.10 35.44 0.70
CA SER B 349 5.35 35.45 -0.72
C SER B 349 4.11 35.40 -1.57
N GLU B 350 4.33 35.53 -2.87
CA GLU B 350 3.31 35.47 -3.91
C GLU B 350 3.76 34.52 -5.05
N LEU B 351 2.90 33.56 -5.40
CA LEU B 351 3.18 32.56 -6.46
C LEU B 351 1.96 32.31 -7.33
N GLY B 352 2.08 32.52 -8.63
CA GLY B 352 0.96 32.29 -9.51
C GLY B 352 -0.28 33.07 -9.09
N GLY B 353 -0.09 34.27 -8.54
CA GLY B 353 -1.22 35.06 -8.10
C GLY B 353 -1.75 34.62 -6.73
N TYR B 354 -1.10 33.62 -6.15
CA TYR B 354 -1.50 33.13 -4.84
C TYR B 354 -0.55 33.65 -3.80
N ARG B 355 -1.05 33.68 -2.58
CA ARG B 355 -0.30 34.18 -1.44
C ARG B 355 0.27 33.06 -0.60
N ILE B 356 1.59 32.96 -0.58
CA ILE B 356 2.21 31.96 0.25
C ILE B 356 2.54 32.62 1.57
N PRO B 357 1.83 32.23 2.63
CA PRO B 357 2.02 32.74 3.97
C PRO B 357 3.44 32.67 4.39
N ALA B 358 3.91 33.68 5.09
CA ALA B 358 5.28 33.67 5.59
C ALA B 358 5.50 32.46 6.51
N GLY B 359 6.70 31.88 6.48
CA GLY B 359 6.98 30.70 7.31
C GLY B 359 6.16 29.44 6.92
N ALA B 360 5.75 29.35 5.66
CA ALA B 360 4.96 28.23 5.21
C ALA B 360 5.80 27.08 4.72
N ASP B 361 5.23 25.89 4.86
CA ASP B 361 5.83 24.68 4.40
C ASP B 361 5.26 24.39 3.05
N ILE B 362 6.13 24.26 2.07
CA ILE B 362 5.66 23.99 0.74
C ILE B 362 6.29 22.71 0.18
N ILE B 363 5.54 22.02 -0.67
CA ILE B 363 5.96 20.77 -1.25
C ILE B 363 5.69 20.71 -2.75
N TYR B 364 6.45 19.87 -3.44
CA TYR B 364 6.22 19.65 -4.85
C TYR B 364 6.85 18.34 -5.29
N SER B 365 6.34 17.78 -6.38
CA SER B 365 6.80 16.48 -6.80
C SER B 365 7.40 16.43 -8.20
N PRO B 366 8.74 16.35 -8.29
CA PRO B 366 9.36 16.26 -9.61
C PRO B 366 8.82 15.06 -10.39
N TYR B 367 8.33 14.07 -9.64
CA TYR B 367 7.77 12.86 -10.22
C TYR B 367 6.55 13.19 -11.08
N ALA B 368 5.61 13.95 -10.51
CA ALA B 368 4.38 14.34 -11.19
C ALA B 368 4.64 15.36 -12.29
N ILE B 369 5.58 16.27 -12.07
CA ILE B 369 5.91 17.27 -13.08
C ILE B 369 6.51 16.65 -14.33
N GLN B 370 7.36 15.65 -14.16
CA GLN B 370 8.01 15.00 -15.28
C GLN B 370 7.09 14.04 -16.02
N ARG B 371 5.94 13.73 -15.45
CA ARG B 371 5.00 12.80 -16.06
C ARG B 371 3.64 13.46 -16.31
N ASP B 372 3.63 14.80 -16.33
CA ASP B 372 2.42 15.61 -16.50
C ASP B 372 2.07 15.75 -17.97
N PRO B 373 0.85 15.39 -18.36
CA PRO B 373 0.40 15.45 -19.76
C PRO B 373 0.52 16.87 -20.41
N LYS B 374 0.27 17.93 -19.65
CA LYS B 374 0.32 19.30 -20.19
C LYS B 374 1.74 19.73 -20.54
N SER B 375 2.72 18.94 -20.10
CA SER B 375 4.10 19.24 -20.37
C SER B 375 4.72 18.26 -21.36
N TYR B 376 4.21 17.03 -21.38
CA TYR B 376 4.78 16.01 -22.23
C TYR B 376 3.77 15.38 -23.18
N ASP B 377 4.18 15.30 -24.44
CA ASP B 377 3.37 14.71 -25.48
C ASP B 377 2.99 13.28 -25.08
N ASP B 378 3.85 12.31 -25.37
CA ASP B 378 3.56 10.91 -25.02
C ASP B 378 3.89 10.66 -23.56
N ASN B 379 3.06 11.30 -22.76
CA ASN B 379 3.08 11.35 -21.33
C ASN B 379 3.78 10.18 -20.62
N LEU B 380 3.42 8.95 -20.93
CA LEU B 380 4.04 7.85 -20.20
C LEU B 380 4.84 6.92 -21.10
N GLU B 381 5.20 7.40 -22.27
CA GLU B 381 5.90 6.55 -23.21
C GLU B 381 7.41 6.67 -23.11
N PHE B 382 8.07 5.57 -22.77
CA PHE B 382 9.52 5.61 -22.73
C PHE B 382 10.00 5.99 -24.11
N ASP B 383 10.60 7.17 -24.24
CA ASP B 383 11.08 7.59 -25.53
C ASP B 383 12.30 8.50 -25.41
N PRO B 384 13.51 7.90 -25.39
CA PRO B 384 14.76 8.65 -25.28
C PRO B 384 14.91 9.75 -26.34
N ASP B 385 14.11 9.66 -27.41
CA ASP B 385 14.25 10.64 -28.47
C ASP B 385 13.32 11.84 -28.30
N ARG B 386 12.62 11.95 -27.17
CA ARG B 386 11.75 13.12 -26.97
C ARG B 386 12.63 14.30 -26.58
N TRP B 387 13.86 13.94 -26.25
CA TRP B 387 14.88 14.87 -25.87
C TRP B 387 15.65 15.32 -27.08
N LEU B 388 15.03 15.13 -28.25
CA LEU B 388 15.62 15.58 -29.48
C LEU B 388 15.29 17.07 -29.64
N PRO B 389 16.32 17.89 -29.94
CA PRO B 389 16.21 19.34 -30.13
C PRO B 389 14.80 19.81 -30.43
N GLU B 390 14.24 19.36 -31.55
CA GLU B 390 12.92 19.80 -31.97
C GLU B 390 11.86 19.60 -30.90
N ARG B 391 11.78 18.37 -30.38
CA ARG B 391 10.80 18.04 -29.37
C ARG B 391 11.21 18.51 -27.98
N ALA B 392 12.52 18.60 -27.75
CA ALA B 392 12.99 19.06 -26.45
C ALA B 392 12.43 20.45 -26.14
N ALA B 393 12.47 21.32 -27.16
CA ALA B 393 11.99 22.69 -27.09
C ALA B 393 10.49 22.75 -26.90
N ASN B 394 9.84 21.62 -27.12
CA ASN B 394 8.39 21.53 -27.00
C ASN B 394 7.98 21.44 -25.53
N VAL B 395 8.92 21.00 -24.70
CA VAL B 395 8.65 20.82 -23.28
C VAL B 395 9.05 22.05 -22.44
N PRO B 396 8.21 22.43 -21.45
CA PRO B 396 8.35 23.56 -20.50
C PRO B 396 9.73 23.63 -19.83
N LYS B 397 10.16 24.85 -19.56
CA LYS B 397 11.47 25.13 -19.00
C LYS B 397 11.87 24.29 -17.76
N TYR B 398 11.10 24.32 -16.67
CA TYR B 398 11.55 23.57 -15.49
C TYR B 398 10.79 22.27 -15.29
N ALA B 399 10.27 21.70 -16.39
CA ALA B 399 9.51 20.44 -16.32
C ALA B 399 10.44 19.22 -16.24
N MET B 400 11.73 19.44 -16.48
CA MET B 400 12.70 18.34 -16.37
C MET B 400 13.95 18.82 -15.68
N LYS B 401 13.88 18.84 -14.36
CA LYS B 401 14.99 19.27 -13.54
C LYS B 401 15.30 18.27 -12.44
N PRO B 402 15.86 17.10 -12.79
CA PRO B 402 16.20 16.09 -11.79
C PRO B 402 16.99 16.69 -10.64
N PHE B 403 17.85 17.64 -10.98
CA PHE B 403 18.61 18.44 -10.01
C PHE B 403 17.93 19.85 -10.03
N SER B 404 17.95 20.64 -8.95
CA SER B 404 17.25 21.95 -8.98
C SER B 404 18.17 23.13 -9.43
N ALA B 405 17.63 24.34 -9.61
CA ALA B 405 18.43 25.47 -10.15
C ALA B 405 19.16 26.34 -9.10
N GLY B 406 18.43 26.86 -8.10
CA GLY B 406 19.03 27.71 -7.07
C GLY B 406 20.16 27.02 -6.32
N LYS B 407 20.78 27.65 -5.31
CA LYS B 407 21.90 26.96 -4.62
C LYS B 407 21.49 25.61 -4.07
N ARG B 408 20.31 25.46 -3.45
CA ARG B 408 19.94 24.10 -3.07
C ARG B 408 19.67 23.33 -4.38
N LYS B 409 20.76 22.94 -5.03
CA LYS B 409 20.77 22.24 -6.32
C LYS B 409 21.62 21.00 -6.17
N CYS B 410 21.87 20.24 -7.22
CA CYS B 410 22.74 19.12 -6.96
C CYS B 410 24.13 19.36 -7.49
N PRO B 411 25.12 19.47 -6.58
CA PRO B 411 26.52 19.72 -6.93
C PRO B 411 27.09 18.66 -7.87
N SER B 412 26.53 17.47 -7.80
CA SER B 412 27.02 16.34 -8.60
C SER B 412 26.23 16.13 -9.86
N ASP B 413 25.63 17.17 -10.40
CA ASP B 413 24.90 16.98 -11.63
C ASP B 413 25.86 16.51 -12.75
N HIS B 414 27.06 17.06 -12.79
CA HIS B 414 28.03 16.71 -13.81
C HIS B 414 28.65 15.38 -13.49
N PHE B 415 29.01 15.24 -12.22
CA PHE B 415 29.63 14.04 -11.68
C PHE B 415 28.67 12.86 -11.77
N SER B 416 27.37 13.12 -11.67
CA SER B 416 26.39 12.05 -11.76
C SER B 416 26.25 11.55 -13.16
N MET B 417 25.81 12.43 -14.06
CA MET B 417 25.64 12.04 -15.46
C MET B 417 26.92 11.42 -16.02
N ALA B 418 28.09 11.88 -15.57
CA ALA B 418 29.35 11.34 -16.08
C ALA B 418 29.57 9.87 -15.74
N GLN B 419 29.24 9.47 -14.51
CA GLN B 419 29.43 8.08 -14.12
C GLN B 419 28.29 7.21 -14.61
N LEU B 420 27.09 7.77 -14.65
CA LEU B 420 25.93 7.02 -15.14
C LEU B 420 26.09 6.69 -16.62
N THR B 421 26.53 7.68 -17.40
CA THR B 421 26.77 7.51 -18.83
C THR B 421 27.84 6.45 -19.08
N LEU B 422 28.93 6.51 -18.32
CA LEU B 422 29.99 5.54 -18.46
C LEU B 422 29.49 4.13 -18.10
N ILE B 423 28.85 3.96 -16.97
CA ILE B 423 28.39 2.63 -16.61
C ILE B 423 27.35 2.09 -17.62
N THR B 424 26.46 2.95 -18.12
CA THR B 424 25.43 2.49 -19.05
C THR B 424 26.03 1.98 -20.36
N ALA B 425 26.87 2.81 -20.97
CA ALA B 425 27.55 2.49 -22.23
C ALA B 425 28.44 1.25 -22.09
N ALA B 426 29.16 1.16 -20.98
CA ALA B 426 30.02 0.03 -20.72
C ALA B 426 29.21 -1.25 -20.64
N LEU B 427 28.03 -1.16 -20.05
CA LEU B 427 27.15 -2.32 -19.88
C LEU B 427 26.40 -2.72 -21.14
N ALA B 428 25.81 -1.76 -21.84
CA ALA B 428 25.02 -2.03 -23.04
C ALA B 428 25.87 -2.48 -24.23
N THR B 429 27.13 -2.10 -24.23
CA THR B 429 28.04 -2.47 -25.29
C THR B 429 28.41 -3.95 -25.16
N LYS B 430 28.81 -4.38 -23.98
CA LYS B 430 29.19 -5.76 -23.74
C LYS B 430 27.99 -6.69 -23.68
N TYR B 431 26.88 -6.21 -23.11
CA TYR B 431 25.72 -7.09 -22.94
C TYR B 431 24.43 -6.54 -23.49
N ARG B 432 23.47 -7.42 -23.36
CA ARG B 432 22.07 -7.22 -23.66
C ARG B 432 21.40 -7.59 -22.38
N PHE B 433 20.35 -6.91 -22.00
CA PHE B 433 19.75 -7.25 -20.73
C PHE B 433 18.34 -7.77 -20.86
N GLU B 434 18.04 -8.66 -19.93
CA GLU B 434 16.79 -9.36 -19.91
C GLU B 434 16.31 -9.50 -18.48
N GLN B 435 15.02 -9.31 -18.27
CA GLN B 435 14.47 -9.44 -16.95
C GLN B 435 14.16 -10.88 -16.63
N VAL B 436 14.51 -11.29 -15.42
CA VAL B 436 14.25 -12.64 -14.96
C VAL B 436 12.78 -12.77 -14.64
N ALA B 437 12.09 -13.80 -15.14
CA ALA B 437 10.70 -13.98 -14.76
C ALA B 437 10.63 -13.94 -13.23
N GLY B 438 9.64 -13.30 -12.62
CA GLY B 438 9.70 -13.30 -11.16
C GLY B 438 10.34 -12.04 -10.64
N SER B 439 10.88 -11.26 -11.56
CA SER B 439 11.46 -9.96 -11.23
C SER B 439 10.32 -9.02 -10.85
N ASN B 440 10.47 -8.31 -9.74
CA ASN B 440 9.45 -7.38 -9.32
C ASN B 440 9.90 -5.93 -9.59
N ASP B 441 9.64 -5.43 -10.79
CA ASP B 441 10.08 -4.07 -11.09
C ASP B 441 9.08 -3.01 -10.67
N ALA B 442 8.17 -3.40 -9.77
CA ALA B 442 7.16 -2.48 -9.22
C ALA B 442 7.85 -1.43 -8.37
N VAL B 443 7.40 -0.18 -8.48
CA VAL B 443 8.01 0.91 -7.75
C VAL B 443 7.72 0.85 -6.24
N ARG B 444 8.75 1.10 -5.46
CA ARG B 444 8.65 1.12 -4.00
C ARG B 444 8.96 2.53 -3.55
N VAL B 445 7.98 3.23 -2.99
CA VAL B 445 8.21 4.61 -2.58
C VAL B 445 8.75 4.70 -1.16
N GLY B 446 9.99 5.18 -1.08
CA GLY B 446 10.66 5.37 0.19
C GLY B 446 11.38 6.70 0.18
N ILE B 447 12.63 6.73 0.63
CA ILE B 447 13.41 7.96 0.58
C ILE B 447 13.51 8.43 -0.87
N THR B 448 13.80 7.47 -1.72
CA THR B 448 13.91 7.64 -3.15
C THR B 448 12.98 6.62 -3.81
N LEU B 449 12.73 6.72 -5.10
CA LEU B 449 11.90 5.68 -5.68
C LEU B 449 12.81 4.59 -6.19
N ARG B 450 12.44 3.34 -5.97
CA ARG B 450 13.24 2.26 -6.48
C ARG B 450 12.39 1.03 -6.69
N PRO B 451 12.85 0.10 -7.56
CA PRO B 451 12.11 -1.14 -7.83
C PRO B 451 12.17 -2.11 -6.63
N HIS B 452 11.00 -2.63 -6.25
CA HIS B 452 10.90 -3.57 -5.15
C HIS B 452 11.94 -4.69 -5.26
N ASP B 453 11.98 -5.38 -6.41
CA ASP B 453 12.91 -6.49 -6.58
C ASP B 453 13.20 -6.84 -8.02
N LEU B 454 13.95 -5.96 -8.68
CA LEU B 454 14.31 -6.14 -10.07
C LEU B 454 15.43 -7.17 -10.22
N LEU B 455 15.19 -8.16 -11.07
CA LEU B 455 16.16 -9.23 -11.34
C LEU B 455 16.47 -9.27 -12.82
N VAL B 456 17.72 -9.03 -13.16
CA VAL B 456 18.09 -9.06 -14.57
C VAL B 456 19.28 -9.97 -14.79
N ARG B 457 19.37 -10.47 -16.02
CA ARG B 457 20.47 -11.34 -16.40
C ARG B 457 21.14 -10.77 -17.60
N PRO B 458 22.47 -10.64 -17.56
CA PRO B 458 23.16 -10.10 -18.74
C PRO B 458 23.23 -11.18 -19.82
N VAL B 459 22.83 -10.88 -21.06
CA VAL B 459 22.99 -11.91 -22.08
C VAL B 459 24.14 -11.50 -23.02
N ALA B 460 24.90 -12.47 -23.54
CA ALA B 460 26.05 -12.15 -24.39
C ALA B 460 25.67 -11.49 -25.71
N ARG B 461 26.08 -10.23 -25.85
CA ARG B 461 25.87 -9.47 -27.09
C ARG B 461 27.14 -9.57 -27.89
N HIS B 462 27.10 -10.28 -29.02
CA HIS B 462 28.31 -10.47 -29.83
C HIS B 462 29.41 -11.12 -28.96
#